data_8G98
#
_entry.id   8G98
#
_cell.length_a   63.480
_cell.length_b   91.978
_cell.length_c   152.246
_cell.angle_alpha   90.000
_cell.angle_beta   90.000
_cell.angle_gamma   90.000
#
_symmetry.space_group_name_H-M   'P 21 21 21'
#
loop_
_entity.id
_entity.type
_entity.pdbx_description
1 polymer 'Dimodular nonribosomal peptide synthase'
2 non-polymer GLYCEROL
3 non-polymer LYSINE
4 water water
#
_entity_poly.entity_id   1
_entity_poly.type   'polypeptide(L)'
_entity_poly.pdbx_seq_one_letter_code
;GHMNQFVTNTKNVIRGKYHPEFLQNEVLADIFAHTAQTLPDKTALIEADKTLSYGELYQQALIMAQHLALKGVKPGHIVG
LWLPRGIELLKAQLAICLSGAAWLPFDMDTPADRIAVCLEDAEAVGMITTDEWYEHLAEVPQTKWTNTELQKPLSESVSL
AKTTPDQPAYIIYTSGSTGKPKGIVITQKNICHFLRSENSILGIQEQDKVYQGFSVAFDMSFEEIWLSYLVGATLWIAPK
SLVSDPERLCQTLKQEQITVLHAVPTLLALFPEDVPNLRIINLGGEMCPDSLVDRWALPHHQMFNTYGPTETTVSASLEL
LERGKPVTIGKPLPNYGMLVINSERELLEQGETGELCIFGPSVAQGYLGRPDLTADKFIENPWAMSVEEELLYRTGDLAK
IDEFGQVHCLGRA
;
_entity_poly.pdbx_strand_id   A,B
#
loop_
_chem_comp.id
_chem_comp.type
_chem_comp.name
_chem_comp.formula
GOL non-polymer GLYCEROL 'C3 H8 O3'
#
# COMPACT_ATOMS: atom_id res chain seq x y z
N THR A 10 16.99 13.72 -13.03
CA THR A 10 17.59 15.04 -13.21
C THR A 10 16.87 15.83 -14.32
N LYS A 11 15.55 15.95 -14.16
CA LYS A 11 14.70 16.66 -15.11
C LYS A 11 14.56 15.87 -16.39
N ASN A 12 15.38 14.82 -16.56
CA ASN A 12 15.26 13.92 -17.69
C ASN A 12 14.81 12.51 -17.27
N VAL A 13 14.38 12.34 -16.04
CA VAL A 13 13.68 11.14 -15.58
C VAL A 13 12.52 11.64 -14.75
N ILE A 14 11.29 11.36 -15.18
CA ILE A 14 10.09 11.89 -14.56
C ILE A 14 9.38 10.74 -13.84
N ARG A 15 9.12 10.91 -12.54
CA ARG A 15 8.50 9.88 -11.73
C ARG A 15 7.16 10.37 -11.20
N GLY A 16 6.22 9.43 -11.02
CA GLY A 16 5.00 9.72 -10.30
C GLY A 16 5.29 9.80 -8.82
N LYS A 17 4.27 10.15 -8.05
CA LYS A 17 4.43 10.26 -6.60
C LYS A 17 4.93 8.94 -5.98
N TYR A 18 5.69 9.07 -4.91
CA TYR A 18 6.31 7.92 -4.23
C TYR A 18 5.30 7.34 -3.25
N HIS A 19 4.79 6.13 -3.54
CA HIS A 19 3.74 5.49 -2.73
C HIS A 19 3.99 4.01 -2.55
N PRO A 20 4.96 3.65 -1.71
CA PRO A 20 5.27 2.22 -1.55
C PRO A 20 4.09 1.43 -0.99
N GLU A 21 3.15 2.08 -0.31
CA GLU A 21 2.03 1.33 0.25
C GLU A 21 1.08 0.79 -0.81
N PHE A 22 1.19 1.21 -2.07
CA PHE A 22 0.38 0.66 -3.14
C PHE A 22 0.89 -0.69 -3.63
N LEU A 23 2.08 -1.11 -3.18
CA LEU A 23 2.63 -2.43 -3.48
C LEU A 23 2.36 -3.34 -2.30
N GLN A 24 1.42 -4.25 -2.42
CA GLN A 24 1.14 -5.15 -1.33
C GLN A 24 1.32 -6.60 -1.75
N ASN A 25 1.39 -7.48 -0.76
CA ASN A 25 1.50 -8.90 -1.03
C ASN A 25 0.11 -9.45 -1.33
N GLU A 26 -0.40 -9.09 -2.52
CA GLU A 26 -1.80 -9.31 -2.81
C GLU A 26 -1.99 -9.79 -4.25
N VAL A 27 -3.17 -10.39 -4.47
CA VAL A 27 -3.65 -10.79 -5.78
C VAL A 27 -5.07 -10.25 -5.94
N LEU A 28 -5.54 -10.20 -7.20
CA LEU A 28 -6.87 -9.67 -7.50
C LEU A 28 -7.95 -10.37 -6.67
N ALA A 29 -7.86 -11.69 -6.50
CA ALA A 29 -8.85 -12.36 -5.66
C ALA A 29 -8.88 -11.77 -4.25
N ASP A 30 -7.72 -11.37 -3.72
CA ASP A 30 -7.69 -10.73 -2.41
C ASP A 30 -8.50 -9.43 -2.43
N ILE A 31 -8.30 -8.60 -3.45
CA ILE A 31 -8.98 -7.30 -3.50
C ILE A 31 -10.48 -7.49 -3.54
N PHE A 32 -10.95 -8.36 -4.46
CA PHE A 32 -12.39 -8.56 -4.57
C PHE A 32 -12.96 -9.19 -3.29
N ALA A 33 -12.28 -10.23 -2.76
CA ALA A 33 -12.82 -10.92 -1.59
C ALA A 33 -12.91 -9.97 -0.42
N HIS A 34 -11.92 -9.08 -0.28
CA HIS A 34 -12.00 -8.09 0.77
C HIS A 34 -13.25 -7.24 0.61
N THR A 35 -13.50 -6.76 -0.61
CA THR A 35 -14.69 -5.94 -0.79
C THR A 35 -15.99 -6.73 -0.54
N ALA A 36 -16.05 -7.98 -0.98
CA ALA A 36 -17.31 -8.71 -0.81
C ALA A 36 -17.57 -9.01 0.65
N GLN A 37 -16.51 -9.37 1.39
CA GLN A 37 -16.66 -9.68 2.80
C GLN A 37 -16.92 -8.42 3.62
N THR A 38 -16.42 -7.27 3.18
CA THR A 38 -16.65 -6.02 3.89
C THR A 38 -18.01 -5.39 3.58
N LEU A 39 -18.61 -5.68 2.40
CA LEU A 39 -19.86 -5.04 1.96
C LEU A 39 -20.80 -6.08 1.35
N PRO A 40 -21.12 -7.14 2.08
CA PRO A 40 -21.85 -8.25 1.45
C PRO A 40 -23.18 -7.83 0.84
N ASP A 41 -23.93 -6.95 1.51
CA ASP A 41 -25.30 -6.65 1.09
C ASP A 41 -25.39 -5.49 0.10
N LYS A 42 -24.28 -4.81 -0.19
CA LYS A 42 -24.30 -3.74 -1.18
C LYS A 42 -24.40 -4.29 -2.60
N THR A 43 -25.15 -3.58 -3.44
CA THR A 43 -25.27 -3.97 -4.83
C THR A 43 -23.96 -3.77 -5.58
N ALA A 44 -23.48 -4.82 -6.23
CA ALA A 44 -22.33 -4.75 -7.10
C ALA A 44 -22.70 -4.60 -8.58
N LEU A 45 -23.70 -5.31 -9.06
CA LEU A 45 -23.95 -5.40 -10.50
C LEU A 45 -25.41 -5.13 -10.81
N ILE A 46 -25.66 -4.27 -11.80
CA ILE A 46 -27.02 -3.98 -12.26
C ILE A 46 -27.08 -4.25 -13.77
N GLU A 47 -27.87 -5.24 -14.17
CA GLU A 47 -28.12 -5.54 -15.58
C GLU A 47 -29.61 -5.47 -15.84
N ALA A 48 -30.04 -4.39 -16.51
CA ALA A 48 -31.46 -4.08 -16.73
C ALA A 48 -32.11 -3.90 -15.36
N ASP A 49 -33.05 -4.76 -14.97
CA ASP A 49 -33.64 -4.67 -13.64
C ASP A 49 -33.15 -5.77 -12.72
N LYS A 50 -32.14 -6.53 -13.14
CA LYS A 50 -31.55 -7.56 -12.30
C LYS A 50 -30.36 -6.99 -11.54
N THR A 51 -30.26 -7.32 -10.25
CA THR A 51 -29.19 -6.81 -9.43
C THR A 51 -28.56 -7.96 -8.65
N LEU A 52 -27.26 -7.83 -8.42
CA LEU A 52 -26.51 -8.84 -7.69
C LEU A 52 -25.68 -8.15 -6.63
N SER A 53 -25.67 -8.70 -5.43
CA SER A 53 -24.91 -8.10 -4.36
C SER A 53 -23.47 -8.57 -4.41
N TYR A 54 -22.61 -7.85 -3.70
CA TYR A 54 -21.21 -8.27 -3.68
C TYR A 54 -21.08 -9.66 -3.07
N GLY A 55 -21.82 -9.93 -2.00
CA GLY A 55 -21.79 -11.24 -1.40
C GLY A 55 -22.38 -12.30 -2.30
N GLU A 56 -23.53 -12.00 -2.92
CA GLU A 56 -24.09 -12.93 -3.89
C GLU A 56 -23.08 -13.22 -5.01
N LEU A 57 -22.53 -12.16 -5.60
CA LEU A 57 -21.53 -12.32 -6.64
C LEU A 57 -20.36 -13.18 -6.18
N TYR A 58 -19.92 -12.98 -4.94
CA TYR A 58 -18.78 -13.72 -4.43
C TYR A 58 -19.09 -15.20 -4.33
N GLN A 59 -20.21 -15.54 -3.70
CA GLN A 59 -20.53 -16.96 -3.52
C GLN A 59 -20.78 -17.65 -4.86
N GLN A 60 -21.45 -16.97 -5.78
CA GLN A 60 -21.69 -17.59 -7.08
C GLN A 60 -20.38 -17.80 -7.82
N ALA A 61 -19.54 -16.76 -7.90
CA ALA A 61 -18.25 -16.90 -8.55
C ALA A 61 -17.41 -17.96 -7.86
N LEU A 62 -17.55 -18.11 -6.54
CA LEU A 62 -16.77 -19.11 -5.84
C LEU A 62 -17.20 -20.52 -6.23
N ILE A 63 -18.51 -20.74 -6.31
CA ILE A 63 -18.99 -22.03 -6.80
C ILE A 63 -18.42 -22.32 -8.18
N MET A 64 -18.46 -21.33 -9.07
CA MET A 64 -17.89 -21.54 -10.40
C MET A 64 -16.41 -21.87 -10.33
N ALA A 65 -15.65 -21.12 -9.51
CA ALA A 65 -14.21 -21.36 -9.40
C ALA A 65 -13.92 -22.77 -8.88
N GLN A 66 -14.71 -23.23 -7.91
CA GLN A 66 -14.53 -24.59 -7.43
C GLN A 66 -14.77 -25.59 -8.55
N HIS A 67 -15.78 -25.34 -9.39
CA HIS A 67 -15.98 -26.21 -10.55
C HIS A 67 -14.79 -26.16 -11.48
N LEU A 68 -14.20 -24.98 -11.67
CA LEU A 68 -13.00 -24.90 -12.51
C LEU A 68 -11.87 -25.74 -11.91
N ALA A 69 -11.68 -25.64 -10.58
CA ALA A 69 -10.66 -26.43 -9.92
C ALA A 69 -10.87 -27.93 -10.17
N LEU A 70 -12.09 -28.43 -9.90
CA LEU A 70 -12.37 -29.84 -10.19
C LEU A 70 -11.92 -30.21 -11.60
N LYS A 71 -12.23 -29.36 -12.58
CA LYS A 71 -11.83 -29.56 -13.96
C LYS A 71 -10.34 -29.29 -14.22
N GLY A 72 -9.56 -28.94 -13.19
CA GLY A 72 -8.12 -28.87 -13.35
C GLY A 72 -7.52 -27.51 -13.54
N VAL A 73 -8.29 -26.43 -13.36
CA VAL A 73 -7.72 -25.10 -13.44
C VAL A 73 -6.93 -24.80 -12.17
N LYS A 74 -5.67 -24.40 -12.33
CA LYS A 74 -4.76 -24.09 -11.25
C LYS A 74 -4.17 -22.70 -11.48
N PRO A 75 -3.57 -22.11 -10.45
CA PRO A 75 -2.86 -20.85 -10.64
C PRO A 75 -1.82 -20.96 -11.75
N GLY A 76 -1.70 -19.91 -12.55
CA GLY A 76 -0.80 -19.95 -13.67
C GLY A 76 -1.43 -20.40 -14.96
N HIS A 77 -2.60 -21.03 -14.91
CA HIS A 77 -3.32 -21.37 -16.12
C HIS A 77 -3.98 -20.15 -16.73
N ILE A 78 -4.32 -20.29 -18.01
CA ILE A 78 -5.05 -19.27 -18.74
C ILE A 78 -6.38 -19.86 -19.18
N VAL A 79 -7.46 -19.13 -18.92
CA VAL A 79 -8.81 -19.53 -19.32
C VAL A 79 -9.41 -18.41 -20.16
N GLY A 80 -9.89 -18.76 -21.36
CA GLY A 80 -10.53 -17.77 -22.22
C GLY A 80 -11.93 -17.44 -21.75
N LEU A 81 -12.38 -16.21 -22.08
CA LEU A 81 -13.66 -15.68 -21.65
C LEU A 81 -14.41 -15.12 -22.85
N TRP A 82 -15.57 -15.70 -23.17
CA TRP A 82 -16.37 -15.21 -24.31
C TRP A 82 -17.85 -15.35 -23.98
N LEU A 83 -18.45 -14.26 -23.51
CA LEU A 83 -19.87 -14.18 -23.16
C LEU A 83 -20.40 -12.79 -23.50
N PRO A 84 -21.71 -12.66 -23.69
CA PRO A 84 -22.28 -11.34 -23.97
C PRO A 84 -22.22 -10.44 -22.74
N ARG A 85 -22.12 -9.13 -23.01
CA ARG A 85 -22.14 -8.13 -21.95
C ARG A 85 -23.27 -8.41 -20.97
N GLY A 86 -22.97 -8.40 -19.68
CA GLY A 86 -24.00 -8.62 -18.67
C GLY A 86 -23.41 -9.25 -17.43
N ILE A 87 -24.30 -9.63 -16.50
CA ILE A 87 -23.85 -10.15 -15.23
C ILE A 87 -23.03 -11.42 -15.41
N GLU A 88 -23.50 -12.35 -16.25
CA GLU A 88 -22.83 -13.65 -16.39
C GLU A 88 -21.40 -13.49 -16.87
N LEU A 89 -21.15 -12.51 -17.74
CA LEU A 89 -19.80 -12.27 -18.24
C LEU A 89 -18.85 -11.87 -17.11
N LEU A 90 -19.25 -10.86 -16.32
CA LEU A 90 -18.42 -10.44 -15.19
C LEU A 90 -18.31 -11.56 -14.17
N LYS A 91 -19.41 -12.26 -13.92
CA LYS A 91 -19.36 -13.37 -12.99
C LYS A 91 -18.31 -14.38 -13.42
N ALA A 92 -18.28 -14.72 -14.71
CA ALA A 92 -17.31 -15.71 -15.20
C ALA A 92 -15.88 -15.18 -15.13
N GLN A 93 -15.68 -13.90 -15.47
CA GLN A 93 -14.38 -13.31 -15.25
C GLN A 93 -13.92 -13.53 -13.80
N LEU A 94 -14.80 -13.18 -12.86
CA LEU A 94 -14.46 -13.28 -11.46
C LEU A 94 -14.25 -14.73 -11.05
N ALA A 95 -14.92 -15.67 -11.70
CA ALA A 95 -14.73 -17.08 -11.36
C ALA A 95 -13.34 -17.56 -11.78
N ILE A 96 -12.92 -17.22 -13.00
CA ILE A 96 -11.54 -17.52 -13.41
C ILE A 96 -10.58 -16.93 -12.39
N CYS A 97 -10.79 -15.65 -12.05
CA CYS A 97 -9.90 -14.99 -11.11
C CYS A 97 -9.84 -15.72 -9.77
N LEU A 98 -11.00 -16.14 -9.25
CA LEU A 98 -11.04 -16.80 -7.96
C LEU A 98 -10.44 -18.19 -8.02
N SER A 99 -10.48 -18.84 -9.17
CA SER A 99 -9.76 -20.10 -9.30
C SER A 99 -8.25 -19.91 -9.26
N GLY A 100 -7.76 -18.67 -9.27
CA GLY A 100 -6.33 -18.46 -9.29
C GLY A 100 -5.70 -18.45 -10.66
N ALA A 101 -6.47 -18.74 -11.72
CA ALA A 101 -6.01 -18.65 -13.10
C ALA A 101 -6.13 -17.19 -13.61
N ALA A 102 -5.50 -16.92 -14.76
CA ALA A 102 -5.68 -15.65 -15.45
C ALA A 102 -6.63 -15.81 -16.63
N TRP A 103 -7.36 -14.75 -16.96
CA TRP A 103 -8.31 -14.87 -18.06
C TRP A 103 -7.79 -14.19 -19.32
N LEU A 104 -8.30 -14.67 -20.44
CA LEU A 104 -8.01 -14.16 -21.77
C LEU A 104 -9.34 -13.66 -22.32
N PRO A 105 -9.59 -12.35 -22.29
CA PRO A 105 -10.93 -11.85 -22.64
C PRO A 105 -11.12 -11.71 -24.16
N PHE A 106 -12.33 -12.06 -24.61
CA PHE A 106 -12.73 -11.98 -26.01
C PHE A 106 -13.94 -11.06 -26.14
N ASP A 107 -13.87 -10.12 -27.08
CA ASP A 107 -15.03 -9.28 -27.36
C ASP A 107 -16.17 -10.08 -28.00
N MET A 108 -17.40 -9.58 -27.82
CA MET A 108 -18.58 -10.20 -28.45
C MET A 108 -18.34 -10.45 -29.95
N ASP A 109 -17.63 -9.54 -30.62
CA ASP A 109 -17.46 -9.55 -32.07
C ASP A 109 -16.20 -10.29 -32.50
N THR A 110 -15.74 -11.20 -31.74
CA THR A 110 -14.50 -11.89 -32.11
C THR A 110 -14.84 -13.11 -32.95
N PRO A 111 -14.26 -13.25 -34.13
CA PRO A 111 -14.54 -14.47 -34.92
C PRO A 111 -13.94 -15.70 -34.27
N ALA A 112 -14.65 -16.82 -34.43
CA ALA A 112 -14.27 -18.07 -33.79
C ALA A 112 -12.85 -18.48 -34.14
N ASP A 113 -12.40 -18.22 -35.36
CA ASP A 113 -11.04 -18.59 -35.75
C ASP A 113 -10.01 -17.78 -34.97
N ARG A 114 -10.29 -16.50 -34.72
CA ARG A 114 -9.35 -15.73 -33.90
C ARG A 114 -9.32 -16.26 -32.46
N ILE A 115 -10.48 -16.67 -31.93
CA ILE A 115 -10.53 -17.32 -30.62
C ILE A 115 -9.61 -18.53 -30.60
N ALA A 116 -9.71 -19.38 -31.64
CA ALA A 116 -8.84 -20.56 -31.68
C ALA A 116 -7.37 -20.17 -31.74
N VAL A 117 -7.02 -19.18 -32.58
CA VAL A 117 -5.62 -18.76 -32.67
C VAL A 117 -5.12 -18.26 -31.32
N CYS A 118 -5.93 -17.51 -30.60
CA CYS A 118 -5.48 -16.94 -29.32
C CYS A 118 -5.37 -18.03 -28.23
N LEU A 119 -6.38 -18.91 -28.14
CA LEU A 119 -6.31 -19.98 -27.15
C LEU A 119 -5.08 -20.85 -27.40
N GLU A 120 -4.79 -21.15 -28.66
CA GLU A 120 -3.60 -21.93 -28.97
C GLU A 120 -2.33 -21.17 -28.62
N ASP A 121 -2.24 -19.89 -29.00
CA ASP A 121 -1.02 -19.13 -28.71
C ASP A 121 -0.77 -19.06 -27.22
N ALA A 122 -1.83 -18.91 -26.43
CA ALA A 122 -1.67 -18.80 -24.99
C ALA A 122 -1.55 -20.16 -24.30
N GLU A 123 -1.79 -21.26 -25.01
CA GLU A 123 -1.80 -22.58 -24.41
C GLU A 123 -2.81 -22.63 -23.27
N ALA A 124 -3.98 -22.05 -23.52
CA ALA A 124 -5.02 -21.99 -22.51
C ALA A 124 -5.59 -23.39 -22.22
N VAL A 125 -5.88 -23.66 -20.94
CA VAL A 125 -6.51 -24.92 -20.57
C VAL A 125 -7.98 -24.99 -20.96
N GLY A 126 -8.56 -23.90 -21.42
CA GLY A 126 -9.97 -23.90 -21.77
C GLY A 126 -10.50 -22.49 -21.80
N MET A 127 -11.81 -22.39 -21.95
CA MET A 127 -12.49 -21.10 -22.02
C MET A 127 -13.90 -21.28 -21.52
N ILE A 128 -14.52 -20.18 -21.10
CA ILE A 128 -15.88 -20.18 -20.61
C ILE A 128 -16.76 -19.46 -21.61
N THR A 129 -17.97 -19.97 -21.81
CA THR A 129 -18.91 -19.38 -22.75
C THR A 129 -20.32 -19.80 -22.32
N THR A 130 -21.30 -19.43 -23.11
CA THR A 130 -22.69 -19.71 -22.80
C THR A 130 -23.17 -20.91 -23.57
N ASP A 131 -24.29 -21.48 -23.12
CA ASP A 131 -24.91 -22.56 -23.87
C ASP A 131 -25.13 -22.14 -25.32
N GLU A 132 -25.66 -20.95 -25.54
CA GLU A 132 -25.94 -20.50 -26.89
C GLU A 132 -24.68 -20.49 -27.73
N TRP A 133 -23.66 -19.74 -27.29
CA TRP A 133 -22.49 -19.55 -28.13
C TRP A 133 -21.62 -20.79 -28.24
N TYR A 134 -21.90 -21.82 -27.44
CA TYR A 134 -21.07 -23.01 -27.48
C TYR A 134 -20.99 -23.60 -28.90
N GLU A 135 -22.07 -23.53 -29.68
CA GLU A 135 -22.05 -24.15 -31.01
C GLU A 135 -21.22 -23.37 -32.00
N HIS A 136 -21.08 -22.06 -31.84
CA HIS A 136 -20.23 -21.32 -32.75
C HIS A 136 -18.77 -21.73 -32.68
N LEU A 137 -18.38 -22.53 -31.68
CA LEU A 137 -16.98 -22.83 -31.42
C LEU A 137 -16.60 -24.26 -31.82
N ALA A 138 -17.28 -24.82 -32.82
CA ALA A 138 -16.90 -26.16 -33.25
C ALA A 138 -15.45 -26.18 -33.74
N GLU A 139 -14.97 -25.06 -34.30
CA GLU A 139 -13.59 -24.95 -34.77
C GLU A 139 -12.59 -24.86 -33.63
N VAL A 140 -13.03 -24.70 -32.39
CA VAL A 140 -12.12 -24.55 -31.24
C VAL A 140 -11.83 -25.94 -30.68
N PRO A 141 -10.60 -26.43 -30.78
CA PRO A 141 -10.28 -27.73 -30.17
C PRO A 141 -10.14 -27.67 -28.66
N GLN A 142 -9.83 -26.51 -28.09
CA GLN A 142 -9.69 -26.42 -26.65
C GLN A 142 -11.02 -26.77 -25.95
N THR A 143 -10.91 -27.10 -24.68
CA THR A 143 -12.08 -27.36 -23.89
C THR A 143 -12.92 -26.10 -23.71
N LYS A 144 -14.22 -26.25 -23.86
CA LYS A 144 -15.16 -25.16 -23.67
C LYS A 144 -16.09 -25.55 -22.54
N TRP A 145 -16.21 -24.72 -21.53
CA TRP A 145 -17.18 -24.90 -20.47
C TRP A 145 -18.27 -23.86 -20.63
N THR A 146 -19.48 -24.19 -20.20
CA THR A 146 -20.58 -23.23 -20.15
C THR A 146 -20.64 -22.68 -18.74
N ASN A 147 -20.98 -21.40 -18.62
CA ASN A 147 -21.19 -20.86 -17.28
C ASN A 147 -22.23 -21.69 -16.54
N THR A 148 -23.24 -22.16 -17.28
CA THR A 148 -24.34 -22.91 -16.68
C THR A 148 -23.83 -24.18 -16.00
N GLU A 149 -23.02 -24.97 -16.70
CA GLU A 149 -22.52 -26.17 -16.05
C GLU A 149 -21.61 -25.81 -14.88
N LEU A 150 -20.83 -24.73 -15.00
CA LEU A 150 -19.99 -24.28 -13.91
C LEU A 150 -20.78 -23.68 -12.76
N GLN A 151 -22.11 -23.59 -12.87
CA GLN A 151 -22.94 -23.02 -11.81
C GLN A 151 -23.79 -24.05 -11.06
N LYS A 152 -23.62 -25.38 -11.33
CA LYS A 152 -24.47 -26.36 -10.67
C LYS A 152 -24.00 -26.63 -9.25
N PRO A 153 -24.90 -27.05 -8.37
CA PRO A 153 -24.53 -27.25 -6.96
C PRO A 153 -23.45 -28.32 -6.80
N LEU A 154 -22.71 -28.21 -5.70
CA LEU A 154 -21.60 -29.10 -5.37
C LEU A 154 -21.96 -29.93 -4.14
N SER A 155 -21.48 -31.18 -4.13
CA SER A 155 -21.74 -32.06 -2.99
C SER A 155 -20.83 -31.73 -1.81
N GLU A 156 -19.54 -31.50 -2.08
CA GLU A 156 -18.56 -31.17 -1.06
C GLU A 156 -17.70 -30.03 -1.59
N SER A 157 -17.33 -29.12 -0.69
CA SER A 157 -16.51 -27.97 -1.05
C SER A 157 -15.18 -28.40 -1.65
N VAL A 158 -14.65 -27.54 -2.53
CA VAL A 158 -13.37 -27.77 -3.20
C VAL A 158 -12.41 -26.66 -2.79
N SER A 159 -11.23 -27.03 -2.27
CA SER A 159 -10.26 -26.05 -1.82
C SER A 159 -9.54 -25.42 -3.01
N LEU A 160 -9.50 -24.09 -3.04
CA LEU A 160 -8.92 -23.35 -4.17
C LEU A 160 -7.46 -23.05 -3.89
N ALA A 161 -6.58 -23.49 -4.78
CA ALA A 161 -5.17 -23.13 -4.64
C ALA A 161 -4.99 -21.63 -4.87
N LYS A 162 -4.10 -21.03 -4.08
CA LYS A 162 -3.87 -19.60 -4.18
C LYS A 162 -2.82 -19.29 -5.23
N THR A 163 -3.09 -18.26 -6.03
CA THR A 163 -2.06 -17.73 -6.92
C THR A 163 -1.19 -16.71 -6.16
N THR A 164 -0.13 -16.26 -6.83
CA THR A 164 0.84 -15.33 -6.29
C THR A 164 1.07 -14.15 -7.22
N PRO A 165 1.65 -13.06 -6.69
CA PRO A 165 1.79 -11.82 -7.48
C PRO A 165 2.61 -11.98 -8.74
N ASP A 166 3.52 -12.94 -8.78
CA ASP A 166 4.32 -13.13 -9.97
C ASP A 166 3.53 -13.79 -11.09
N GLN A 167 2.38 -14.39 -10.79
CA GLN A 167 1.56 -15.10 -11.76
C GLN A 167 0.73 -14.15 -12.59
N PRO A 168 0.35 -14.59 -13.79
CA PRO A 168 -0.50 -13.74 -14.65
C PRO A 168 -1.87 -13.54 -14.06
N ALA A 169 -2.41 -12.34 -14.25
CA ALA A 169 -3.79 -12.03 -13.95
C ALA A 169 -4.66 -12.10 -15.19
N TYR A 170 -4.16 -11.65 -16.34
CA TYR A 170 -4.92 -11.75 -17.57
C TYR A 170 -3.95 -11.56 -18.72
N ILE A 171 -4.39 -12.01 -19.90
CA ILE A 171 -3.64 -11.91 -21.15
C ILE A 171 -4.45 -11.13 -22.17
N ILE A 172 -3.89 -10.04 -22.68
CA ILE A 172 -4.53 -9.22 -23.70
C ILE A 172 -3.86 -9.46 -25.04
N TYR A 173 -4.66 -9.78 -26.05
CA TYR A 173 -4.17 -10.03 -27.39
C TYR A 173 -4.39 -8.81 -28.25
N THR A 174 -3.37 -8.50 -29.06
CA THR A 174 -3.43 -7.48 -30.10
C THR A 174 -2.73 -8.03 -31.33
N SER A 175 -3.40 -7.94 -32.48
CA SER A 175 -2.89 -8.59 -33.69
C SER A 175 -1.79 -7.76 -34.34
N LYS A 180 -0.33 -11.62 -36.90
CA LYS A 180 0.03 -12.60 -35.88
C LYS A 180 -0.34 -12.11 -34.50
N PRO A 181 -1.18 -12.86 -33.78
CA PRO A 181 -1.65 -12.38 -32.48
C PRO A 181 -0.51 -12.24 -31.48
N LYS A 182 -0.59 -11.18 -30.69
CA LYS A 182 0.42 -10.83 -29.71
C LYS A 182 -0.24 -10.73 -28.34
N GLY A 183 0.11 -11.67 -27.46
CA GLY A 183 -0.49 -11.72 -26.13
C GLY A 183 0.38 -10.99 -25.12
N ILE A 184 -0.23 -10.11 -24.35
CA ILE A 184 0.48 -9.31 -23.36
C ILE A 184 0.15 -9.87 -21.99
N VAL A 185 1.18 -10.29 -21.25
CA VAL A 185 1.02 -10.95 -19.96
C VAL A 185 1.09 -9.88 -18.88
N ILE A 186 -0.03 -9.64 -18.20
CA ILE A 186 -0.11 -8.72 -17.08
C ILE A 186 -0.16 -9.54 -15.80
N THR A 187 0.70 -9.24 -14.84
CA THR A 187 0.76 -10.03 -13.62
C THR A 187 -0.21 -9.51 -12.57
N GLN A 188 -0.53 -10.37 -11.61
CA GLN A 188 -1.27 -9.95 -10.44
C GLN A 188 -0.68 -8.68 -9.84
N LYS A 189 0.64 -8.68 -9.69
CA LYS A 189 1.32 -7.52 -9.12
C LYS A 189 1.05 -6.27 -9.96
N ASN A 190 1.26 -6.38 -11.28
CA ASN A 190 1.01 -5.27 -12.19
C ASN A 190 -0.36 -4.64 -11.95
N ILE A 191 -1.40 -5.47 -12.00
CA ILE A 191 -2.75 -4.95 -12.02
C ILE A 191 -3.18 -4.47 -10.62
N CYS A 192 -2.83 -5.20 -9.56
CA CYS A 192 -3.16 -4.72 -8.22
C CYS A 192 -2.51 -3.37 -7.93
N HIS A 193 -1.24 -3.22 -8.33
CA HIS A 193 -0.61 -1.92 -8.18
C HIS A 193 -1.30 -0.85 -9.02
N PHE A 194 -1.62 -1.16 -10.30
CA PHE A 194 -2.26 -0.15 -11.13
C PHE A 194 -3.55 0.34 -10.49
N LEU A 195 -4.35 -0.59 -9.97
CA LEU A 195 -5.62 -0.22 -9.39
C LEU A 195 -5.41 0.75 -8.22
N ARG A 196 -4.50 0.41 -7.29
CA ARG A 196 -4.28 1.33 -6.17
C ARG A 196 -3.70 2.66 -6.63
N SER A 197 -2.70 2.60 -7.53
CA SER A 197 -2.03 3.83 -7.95
C SER A 197 -2.99 4.78 -8.66
N GLU A 198 -3.80 4.28 -9.61
CA GLU A 198 -4.72 5.17 -10.31
C GLU A 198 -5.88 5.60 -9.41
N ASN A 199 -6.40 4.72 -8.55
CA ASN A 199 -7.53 5.19 -7.75
C ASN A 199 -7.12 6.21 -6.70
N SER A 200 -5.85 6.22 -6.27
CA SER A 200 -5.40 7.28 -5.38
C SER A 200 -5.61 8.67 -5.98
N ILE A 201 -5.77 8.78 -7.28
CA ILE A 201 -5.99 10.07 -7.94
C ILE A 201 -7.42 10.20 -8.42
N LEU A 202 -7.93 9.19 -9.13
CA LEU A 202 -9.32 9.22 -9.52
C LEU A 202 -10.22 9.29 -8.29
N GLY A 203 -9.99 8.40 -7.32
CA GLY A 203 -10.81 8.41 -6.14
C GLY A 203 -12.23 7.97 -6.43
N ILE A 204 -12.41 6.85 -7.14
CA ILE A 204 -13.72 6.24 -7.21
C ILE A 204 -14.13 5.85 -5.79
N GLN A 205 -15.38 6.09 -5.43
CA GLN A 205 -15.83 5.87 -4.06
C GLN A 205 -16.87 4.77 -4.00
N GLU A 206 -17.03 4.23 -2.79
CA GLU A 206 -18.02 3.19 -2.55
C GLU A 206 -19.44 3.65 -2.89
N GLN A 207 -19.75 4.94 -2.71
CA GLN A 207 -21.08 5.44 -3.04
C GLN A 207 -21.30 5.62 -4.54
N ASP A 208 -20.25 5.55 -5.34
CA ASP A 208 -20.33 5.82 -6.76
C ASP A 208 -21.13 4.75 -7.49
N LYS A 209 -21.80 5.20 -8.55
CA LYS A 209 -22.46 4.33 -9.52
C LYS A 209 -21.71 4.46 -10.84
N VAL A 210 -21.10 3.37 -11.29
CA VAL A 210 -20.15 3.37 -12.40
C VAL A 210 -20.80 2.75 -13.63
N TYR A 211 -20.83 3.50 -14.72
CA TYR A 211 -21.21 2.95 -16.01
C TYR A 211 -20.17 1.92 -16.47
N GLN A 212 -20.65 0.77 -16.94
CA GLN A 212 -19.79 -0.31 -17.44
C GLN A 212 -20.13 -0.54 -18.92
N GLY A 213 -19.40 0.13 -19.80
CA GLY A 213 -19.74 0.08 -21.22
C GLY A 213 -18.71 -0.57 -22.12
N PHE A 214 -17.49 -0.71 -21.64
CA PHE A 214 -16.42 -1.28 -22.44
C PHE A 214 -16.51 -2.81 -22.51
N SER A 215 -16.18 -3.33 -23.67
CA SER A 215 -15.93 -4.75 -23.81
C SER A 215 -14.77 -5.15 -22.91
N VAL A 216 -14.87 -6.33 -22.29
CA VAL A 216 -13.78 -6.87 -21.48
C VAL A 216 -12.50 -7.05 -22.28
N ALA A 217 -12.55 -6.93 -23.60
CA ALA A 217 -11.32 -7.02 -24.36
C ALA A 217 -10.49 -5.73 -24.34
N PHE A 218 -10.98 -4.65 -23.74
CA PHE A 218 -10.28 -3.36 -23.72
C PHE A 218 -9.78 -3.00 -22.33
N ASP A 219 -8.66 -2.26 -22.30
CA ASP A 219 -8.03 -1.89 -21.04
C ASP A 219 -8.98 -1.15 -20.12
N MET A 220 -9.75 -0.21 -20.66
CA MET A 220 -10.61 0.65 -19.86
C MET A 220 -11.73 -0.12 -19.18
N SER A 221 -11.99 -1.35 -19.62
CA SER A 221 -12.90 -2.17 -18.84
C SER A 221 -12.35 -2.38 -17.43
N PHE A 222 -11.01 -2.47 -17.29
CA PHE A 222 -10.43 -2.60 -15.96
C PHE A 222 -10.73 -1.36 -15.10
N GLU A 223 -10.61 -0.17 -15.67
CA GLU A 223 -10.96 1.01 -14.89
C GLU A 223 -12.45 1.04 -14.55
N GLU A 224 -13.31 0.52 -15.42
CA GLU A 224 -14.73 0.51 -15.08
C GLU A 224 -15.02 -0.48 -13.95
N ILE A 225 -14.52 -1.70 -14.09
CA ILE A 225 -14.91 -2.84 -13.26
C ILE A 225 -14.06 -2.94 -12.01
N TRP A 226 -12.74 -3.01 -12.19
CA TRP A 226 -11.91 -3.39 -11.06
C TRP A 226 -11.67 -2.20 -10.12
N LEU A 227 -11.59 -0.97 -10.61
CA LEU A 227 -11.59 0.15 -9.68
C LEU A 227 -12.84 0.10 -8.79
N SER A 228 -14.00 -0.17 -9.40
CA SER A 228 -15.23 -0.28 -8.62
C SER A 228 -15.14 -1.41 -7.60
N TYR A 229 -14.71 -2.59 -8.06
CA TYR A 229 -14.49 -3.70 -7.14
C TYR A 229 -13.55 -3.32 -6.01
N LEU A 230 -12.55 -2.48 -6.31
CA LEU A 230 -11.58 -2.08 -5.31
C LEU A 230 -12.26 -1.33 -4.18
N VAL A 231 -13.19 -0.43 -4.51
CA VAL A 231 -13.82 0.36 -3.44
C VAL A 231 -15.26 -0.05 -3.18
N GLY A 232 -15.79 -1.06 -3.84
CA GLY A 232 -17.18 -1.43 -3.64
C GLY A 232 -18.20 -0.49 -4.27
N ALA A 233 -17.86 0.16 -5.38
CA ALA A 233 -18.87 0.92 -6.11
C ALA A 233 -19.81 -0.02 -6.85
N THR A 234 -20.94 0.54 -7.28
CA THR A 234 -21.93 -0.23 -8.01
C THR A 234 -21.77 -0.03 -9.51
N LEU A 235 -21.82 -1.14 -10.24
CA LEU A 235 -21.63 -1.15 -11.68
C LEU A 235 -22.97 -1.29 -12.37
N TRP A 236 -23.22 -0.40 -13.33
CA TRP A 236 -24.36 -0.49 -14.23
C TRP A 236 -23.86 -1.00 -15.57
N ILE A 237 -24.30 -2.17 -15.97
CA ILE A 237 -23.73 -2.88 -17.12
C ILE A 237 -24.55 -2.55 -18.37
N ALA A 238 -23.90 -1.96 -19.40
CA ALA A 238 -24.60 -1.49 -20.61
C ALA A 238 -24.93 -2.65 -21.56
N PRO A 239 -26.12 -2.67 -22.13
CA PRO A 239 -26.41 -3.64 -23.18
C PRO A 239 -25.72 -3.27 -24.49
N LYS A 240 -25.48 -4.29 -25.32
CA LYS A 240 -24.81 -4.09 -26.60
C LYS A 240 -25.51 -3.01 -27.41
N SER A 241 -26.84 -2.98 -27.36
CA SER A 241 -27.57 -2.03 -28.18
C SER A 241 -27.37 -0.59 -27.73
N LEU A 242 -27.02 -0.36 -26.46
CA LEU A 242 -26.83 1.00 -25.97
C LEU A 242 -25.46 1.57 -26.33
N VAL A 243 -24.45 0.72 -26.45
CA VAL A 243 -23.08 1.16 -26.66
C VAL A 243 -22.87 1.95 -27.94
N SER A 244 -23.78 1.81 -28.91
CA SER A 244 -23.67 2.48 -30.20
C SER A 244 -24.71 3.57 -30.39
N ASP A 245 -25.34 4.01 -29.29
CA ASP A 245 -26.44 4.97 -29.33
C ASP A 245 -26.13 6.11 -28.39
N PRO A 246 -25.25 7.03 -28.79
CA PRO A 246 -24.78 8.05 -27.83
C PRO A 246 -25.88 8.92 -27.21
N GLU A 247 -26.90 9.33 -27.96
CA GLU A 247 -27.94 10.16 -27.38
C GLU A 247 -28.76 9.38 -26.36
N ARG A 248 -29.15 8.15 -26.71
CA ARG A 248 -29.83 7.30 -25.74
C ARG A 248 -28.95 7.07 -24.53
N LEU A 249 -27.63 6.95 -24.72
CA LEU A 249 -26.73 6.76 -23.59
C LEU A 249 -26.70 8.00 -22.71
N CYS A 250 -26.66 9.18 -23.31
CA CYS A 250 -26.70 10.39 -22.51
C CYS A 250 -27.95 10.40 -21.62
N GLN A 251 -29.10 10.06 -22.21
CA GLN A 251 -30.31 10.05 -21.40
C GLN A 251 -30.27 8.93 -20.36
N THR A 252 -29.69 7.79 -20.71
CA THR A 252 -29.56 6.67 -19.76
C THR A 252 -28.70 7.06 -18.58
N LEU A 253 -27.57 7.71 -18.84
CA LEU A 253 -26.67 8.14 -17.77
C LEU A 253 -27.37 9.11 -16.83
N LYS A 254 -28.20 10.00 -17.38
CA LYS A 254 -28.98 10.86 -16.50
C LYS A 254 -29.99 10.06 -15.70
N GLN A 255 -30.79 9.24 -16.37
CA GLN A 255 -31.90 8.57 -15.69
C GLN A 255 -31.41 7.56 -14.66
N GLU A 256 -30.28 6.89 -14.91
CA GLU A 256 -29.75 5.92 -13.97
C GLU A 256 -28.90 6.55 -12.87
N GLN A 257 -28.72 7.86 -12.87
CA GLN A 257 -28.02 8.55 -11.79
C GLN A 257 -26.57 8.10 -11.73
N ILE A 258 -25.94 7.99 -12.90
CA ILE A 258 -24.55 7.56 -12.96
C ILE A 258 -23.65 8.71 -12.49
N THR A 259 -22.56 8.35 -11.82
CA THR A 259 -21.61 9.32 -11.32
C THR A 259 -20.21 9.20 -11.89
N VAL A 260 -19.91 8.12 -12.62
CA VAL A 260 -18.56 7.86 -13.09
C VAL A 260 -18.63 7.36 -14.53
N LEU A 261 -18.05 8.12 -15.45
CA LEU A 261 -17.97 7.69 -16.84
C LEU A 261 -16.49 7.51 -17.19
N HIS A 262 -16.13 6.28 -17.56
CA HIS A 262 -14.92 5.99 -18.29
C HIS A 262 -15.29 5.88 -19.76
N ALA A 263 -14.62 6.62 -20.62
CA ALA A 263 -14.99 6.61 -22.02
C ALA A 263 -13.84 7.16 -22.86
N VAL A 264 -14.12 7.30 -24.15
CA VAL A 264 -13.19 7.79 -25.14
C VAL A 264 -13.65 9.18 -25.56
N PRO A 265 -12.76 10.06 -26.01
CA PRO A 265 -13.21 11.43 -26.33
C PRO A 265 -14.29 11.51 -27.41
N THR A 266 -14.19 10.70 -28.47
CA THR A 266 -15.19 10.82 -29.53
C THR A 266 -16.58 10.48 -29.02
N LEU A 267 -16.68 9.51 -28.11
CA LEU A 267 -17.98 9.22 -27.51
C LEU A 267 -18.49 10.39 -26.69
N LEU A 268 -17.66 10.97 -25.83
CA LEU A 268 -18.15 12.10 -25.05
C LEU A 268 -18.63 13.21 -25.98
N ALA A 269 -17.88 13.50 -27.05
CA ALA A 269 -18.30 14.59 -27.93
C ALA A 269 -19.69 14.35 -28.51
N LEU A 270 -20.09 13.09 -28.71
CA LEU A 270 -21.39 12.83 -29.33
C LEU A 270 -22.58 12.92 -28.35
N PHE A 271 -22.38 13.46 -27.14
CA PHE A 271 -23.49 13.63 -26.20
C PHE A 271 -24.19 14.96 -26.46
N PRO A 272 -25.51 14.98 -26.62
CA PRO A 272 -26.21 16.25 -26.90
C PRO A 272 -26.14 17.25 -25.77
N GLU A 273 -26.54 16.83 -24.57
CA GLU A 273 -26.55 17.67 -23.38
C GLU A 273 -25.44 17.28 -22.43
N ASP A 274 -25.15 18.17 -21.50
CA ASP A 274 -24.37 17.82 -20.33
C ASP A 274 -25.13 16.81 -19.49
N VAL A 275 -24.38 16.08 -18.67
CA VAL A 275 -24.93 15.14 -17.71
C VAL A 275 -24.50 15.57 -16.32
N PRO A 276 -25.34 16.31 -15.59
CA PRO A 276 -24.88 16.96 -14.36
C PRO A 276 -24.41 15.99 -13.28
N ASN A 277 -25.05 14.82 -13.17
CA ASN A 277 -24.76 13.93 -12.04
C ASN A 277 -23.38 13.23 -12.11
N LEU A 278 -22.49 13.57 -13.06
CA LEU A 278 -21.25 12.82 -13.25
C LEU A 278 -20.15 13.41 -12.37
N ARG A 279 -19.81 12.69 -11.30
CA ARG A 279 -18.64 13.05 -10.50
C ARG A 279 -17.37 13.01 -11.34
N ILE A 280 -17.04 11.81 -11.83
CA ILE A 280 -15.75 11.55 -12.48
C ILE A 280 -16.00 11.24 -13.94
N ILE A 281 -15.18 11.81 -14.79
CA ILE A 281 -15.16 11.51 -16.22
C ILE A 281 -13.71 11.21 -16.58
N ASN A 282 -13.43 9.95 -16.91
CA ASN A 282 -12.08 9.52 -17.25
C ASN A 282 -12.03 9.20 -18.74
N LEU A 283 -11.35 10.06 -19.50
CA LEU A 283 -11.18 9.89 -20.94
C LEU A 283 -9.81 9.27 -21.23
N GLY A 284 -9.82 8.12 -21.91
CA GLY A 284 -8.59 7.46 -22.32
C GLY A 284 -8.58 7.22 -23.81
N GLY A 285 -7.42 6.80 -24.33
CA GLY A 285 -7.28 6.51 -25.74
C GLY A 285 -6.74 7.65 -26.60
N GLU A 286 -7.51 8.71 -26.80
CA GLU A 286 -7.07 9.84 -27.61
C GLU A 286 -6.92 11.05 -26.71
N MET A 287 -5.91 11.88 -26.99
CA MET A 287 -5.75 13.11 -26.25
C MET A 287 -6.98 13.98 -26.48
N CYS A 288 -7.62 14.37 -25.40
CA CYS A 288 -8.86 15.11 -25.47
C CYS A 288 -8.66 16.40 -26.25
N PRO A 289 -9.50 16.72 -27.23
CA PRO A 289 -9.38 18.00 -27.94
C PRO A 289 -9.87 19.19 -27.10
N ASP A 290 -9.35 20.36 -27.44
CA ASP A 290 -9.64 21.56 -26.65
C ASP A 290 -11.13 21.89 -26.68
N SER A 291 -11.79 21.69 -27.82
CA SER A 291 -13.21 21.99 -27.86
C SER A 291 -13.97 21.12 -26.86
N LEU A 292 -13.57 19.85 -26.73
CA LEU A 292 -14.26 18.99 -25.77
C LEU A 292 -13.98 19.43 -24.33
N VAL A 293 -12.72 19.75 -24.01
CA VAL A 293 -12.40 20.25 -22.68
C VAL A 293 -13.29 21.44 -22.34
N ASP A 294 -13.34 22.43 -23.24
CA ASP A 294 -14.17 23.61 -23.03
C ASP A 294 -15.62 23.23 -22.84
N ARG A 295 -16.12 22.26 -23.60
CA ARG A 295 -17.52 21.90 -23.46
C ARG A 295 -17.79 21.20 -22.13
N TRP A 296 -16.81 20.48 -21.58
CA TRP A 296 -17.06 19.55 -20.48
C TRP A 296 -16.25 19.79 -19.21
N ALA A 297 -15.13 20.53 -19.27
CA ALA A 297 -14.31 20.70 -18.06
C ALA A 297 -14.92 21.75 -17.13
N LEU A 298 -16.12 21.44 -16.65
CA LEU A 298 -16.92 22.33 -15.84
C LEU A 298 -16.62 22.11 -14.37
N PRO A 299 -17.16 22.98 -13.50
CA PRO A 299 -16.92 22.82 -12.06
C PRO A 299 -17.50 21.54 -11.51
N HIS A 300 -18.73 21.18 -11.88
CA HIS A 300 -19.34 19.98 -11.33
C HIS A 300 -18.85 18.69 -11.98
N HIS A 301 -17.79 18.76 -12.80
CA HIS A 301 -17.18 17.57 -13.39
C HIS A 301 -15.69 17.55 -13.08
N GLN A 302 -15.16 16.39 -12.72
CA GLN A 302 -13.72 16.18 -12.66
C GLN A 302 -13.31 15.37 -13.90
N MET A 303 -12.79 16.08 -14.90
CA MET A 303 -12.52 15.50 -16.22
C MET A 303 -11.04 15.18 -16.35
N PHE A 304 -10.74 13.92 -16.63
CA PHE A 304 -9.37 13.40 -16.66
C PHE A 304 -9.02 12.81 -18.02
N ASN A 305 -7.72 12.78 -18.28
CA ASN A 305 -7.16 12.26 -19.52
C ASN A 305 -6.09 11.25 -19.15
N THR A 306 -6.32 9.98 -19.45
CA THR A 306 -5.35 8.93 -19.11
C THR A 306 -4.70 8.38 -20.36
N TYR A 307 -3.40 8.15 -20.27
CA TYR A 307 -2.58 7.67 -21.37
C TYR A 307 -1.78 6.48 -20.88
N GLY A 308 -1.50 5.54 -21.77
CA GLY A 308 -0.62 4.44 -21.46
C GLY A 308 -0.86 3.23 -22.34
N PRO A 309 0.21 2.53 -22.70
CA PRO A 309 0.07 1.29 -23.48
C PRO A 309 -0.42 0.13 -22.61
N THR A 310 -1.04 -0.84 -23.29
CA THR A 310 -1.48 -2.05 -22.61
C THR A 310 -0.32 -2.75 -21.93
N GLU A 311 0.89 -2.57 -22.45
CA GLU A 311 2.07 -3.21 -21.88
C GLU A 311 2.47 -2.69 -20.50
N THR A 312 1.83 -1.62 -19.98
CA THR A 312 2.12 -1.17 -18.62
C THR A 312 0.84 -1.05 -17.81
N THR A 313 -0.12 -1.94 -18.08
CA THR A 313 -1.31 -2.14 -17.26
C THR A 313 -2.20 -0.91 -17.30
N VAL A 314 -3.03 -0.81 -18.35
CA VAL A 314 -4.18 0.11 -18.43
C VAL A 314 -3.80 1.56 -18.67
N SER A 315 -3.08 2.19 -17.74
CA SER A 315 -2.70 3.59 -17.85
C SER A 315 -1.33 3.81 -17.25
N ALA A 316 -0.59 4.77 -17.78
CA ALA A 316 0.69 5.13 -17.22
C ALA A 316 0.76 6.58 -16.79
N SER A 317 -0.09 7.45 -17.31
CA SER A 317 -0.11 8.82 -16.86
C SER A 317 -1.54 9.29 -16.87
N LEU A 318 -1.78 10.33 -16.08
CA LEU A 318 -3.12 10.84 -15.87
C LEU A 318 -2.99 12.34 -15.80
N GLU A 319 -3.99 13.04 -16.31
CA GLU A 319 -3.89 14.49 -16.38
C GLU A 319 -5.25 15.08 -16.05
N LEU A 320 -5.25 16.09 -15.19
CA LEU A 320 -6.49 16.79 -14.89
C LEU A 320 -6.68 17.84 -15.96
N LEU A 321 -7.86 17.83 -16.58
CA LEU A 321 -8.18 18.74 -17.65
C LEU A 321 -8.94 19.92 -17.06
N GLU A 322 -8.62 21.12 -17.54
CA GLU A 322 -9.22 22.36 -17.08
C GLU A 322 -9.36 23.30 -18.26
N ARG A 323 -10.47 24.05 -18.29
CA ARG A 323 -10.71 24.96 -19.40
C ARG A 323 -9.57 25.96 -19.53
N GLY A 324 -9.06 26.10 -20.76
CA GLY A 324 -8.01 27.05 -21.06
C GLY A 324 -6.59 26.56 -20.83
N LYS A 325 -6.39 25.41 -20.14
CA LYS A 325 -5.07 24.86 -19.90
C LYS A 325 -4.70 23.88 -21.02
N PRO A 326 -3.51 23.97 -21.60
CA PRO A 326 -3.17 23.04 -22.69
C PRO A 326 -3.26 21.61 -22.21
N VAL A 327 -3.63 20.73 -23.11
CA VAL A 327 -3.84 19.32 -22.78
C VAL A 327 -2.53 18.58 -23.01
N THR A 328 -2.13 17.77 -22.03
CA THR A 328 -1.00 16.88 -22.20
C THR A 328 -1.31 15.56 -21.54
N ILE A 329 -0.43 14.58 -21.73
CA ILE A 329 -0.64 13.29 -21.08
C ILE A 329 -0.44 13.37 -19.57
N GLY A 330 0.16 14.44 -19.07
CA GLY A 330 0.25 14.61 -17.63
C GLY A 330 1.42 13.88 -17.00
N LYS A 331 1.38 13.82 -15.65
CA LYS A 331 2.51 13.17 -14.98
C LYS A 331 2.24 11.70 -14.76
N PRO A 332 3.30 10.89 -14.68
CA PRO A 332 3.14 9.46 -14.44
C PRO A 332 2.26 9.19 -13.22
N LEU A 333 1.61 8.04 -13.22
CA LEU A 333 0.89 7.63 -12.06
C LEU A 333 1.86 7.33 -10.93
N PRO A 334 1.35 7.31 -9.69
CA PRO A 334 2.21 6.97 -8.55
C PRO A 334 2.99 5.68 -8.79
N ASN A 335 4.29 5.74 -8.59
CA ASN A 335 5.28 4.67 -8.73
C ASN A 335 5.58 4.31 -10.18
N TYR A 336 4.98 4.99 -11.16
CA TYR A 336 5.36 4.87 -12.55
C TYR A 336 6.47 5.87 -12.87
N GLY A 337 7.22 5.60 -13.92
CA GLY A 337 8.27 6.51 -14.33
C GLY A 337 8.42 6.51 -15.83
N MET A 338 8.90 7.64 -16.37
CA MET A 338 9.09 7.80 -17.80
C MET A 338 10.44 8.47 -18.07
N LEU A 339 11.08 8.02 -19.15
CA LEU A 339 12.30 8.67 -19.61
C LEU A 339 12.34 8.58 -21.14
N VAL A 340 13.33 9.25 -21.74
CA VAL A 340 13.46 9.29 -23.18
C VAL A 340 14.84 8.79 -23.57
N ILE A 341 14.91 7.91 -24.59
CA ILE A 341 16.19 7.35 -25.00
C ILE A 341 16.41 7.54 -26.49
N ASN A 342 17.67 7.41 -26.90
CA ASN A 342 18.08 7.55 -28.30
C ASN A 342 18.06 6.21 -29.00
N SER A 343 18.47 6.22 -30.28
CA SER A 343 18.37 5.02 -31.10
C SER A 343 19.19 3.84 -30.56
N GLU A 344 20.11 4.08 -29.63
CA GLU A 344 20.93 2.99 -29.08
C GLU A 344 20.77 2.90 -27.56
N ARG A 345 19.57 3.14 -27.06
CA ARG A 345 19.25 2.91 -25.66
C ARG A 345 20.18 3.69 -24.72
N GLU A 346 20.24 5.00 -24.92
CA GLU A 346 21.01 5.87 -24.04
C GLU A 346 20.12 7.00 -23.58
N LEU A 347 20.18 7.30 -22.29
CA LEU A 347 19.37 8.36 -21.70
C LEU A 347 19.65 9.68 -22.40
N LEU A 348 18.61 10.48 -22.59
CA LEU A 348 18.73 11.74 -23.31
C LEU A 348 18.57 12.91 -22.35
N GLU A 349 19.23 14.01 -22.66
CA GLU A 349 19.08 15.22 -21.87
C GLU A 349 17.67 15.77 -22.04
N GLN A 350 17.19 16.44 -20.99
CA GLN A 350 15.85 17.02 -21.02
C GLN A 350 15.75 17.98 -22.19
N GLY A 351 14.65 17.88 -22.92
CA GLY A 351 14.39 18.71 -24.07
C GLY A 351 14.67 18.06 -25.40
N GLU A 352 15.52 17.05 -25.45
CA GLU A 352 15.73 16.40 -26.74
C GLU A 352 14.57 15.46 -27.05
N THR A 353 14.50 14.99 -28.28
CA THR A 353 13.42 14.10 -28.69
C THR A 353 13.96 12.69 -28.83
N GLY A 354 13.20 11.73 -28.30
CA GLY A 354 13.62 10.35 -28.34
C GLY A 354 12.43 9.43 -28.20
N GLU A 355 12.72 8.17 -27.87
CA GLU A 355 11.67 7.20 -27.62
C GLU A 355 11.26 7.24 -26.16
N LEU A 356 9.96 7.36 -25.94
CA LEU A 356 9.39 7.32 -24.60
C LEU A 356 9.46 5.89 -24.07
N CYS A 357 10.04 5.74 -22.88
CA CYS A 357 10.14 4.47 -22.16
C CYS A 357 9.45 4.62 -20.81
N ILE A 358 8.79 3.53 -20.39
CA ILE A 358 8.06 3.50 -19.13
C ILE A 358 8.64 2.45 -18.21
N PHE A 359 8.73 2.76 -16.93
CA PHE A 359 9.23 1.80 -15.95
C PHE A 359 8.35 1.84 -14.71
N GLY A 360 8.52 0.83 -13.87
CA GLY A 360 7.77 0.73 -12.63
C GLY A 360 7.18 -0.64 -12.37
N PRO A 361 6.51 -0.79 -11.23
CA PRO A 361 6.00 -2.12 -10.86
C PRO A 361 4.88 -2.62 -11.77
N SER A 362 4.32 -1.79 -12.65
CA SER A 362 3.24 -2.24 -13.53
C SER A 362 3.68 -2.50 -14.96
N VAL A 363 4.99 -2.50 -15.25
CA VAL A 363 5.46 -2.96 -16.55
C VAL A 363 5.12 -4.45 -16.71
N ALA A 364 4.44 -4.79 -17.78
CA ALA A 364 3.97 -6.16 -17.95
C ALA A 364 5.13 -7.16 -17.95
N GLN A 365 4.78 -8.43 -17.81
CA GLN A 365 5.80 -9.46 -17.89
C GLN A 365 6.40 -9.55 -19.28
N GLY A 366 5.62 -9.24 -20.31
CA GLY A 366 6.13 -9.34 -21.66
C GLY A 366 5.11 -9.95 -22.61
N TYR A 367 5.59 -10.35 -23.77
CA TYR A 367 4.71 -10.89 -24.78
C TYR A 367 4.70 -12.40 -24.69
N LEU A 368 3.52 -12.99 -24.61
CA LEU A 368 3.43 -14.41 -24.31
C LEU A 368 4.09 -15.21 -25.44
N GLY A 369 5.07 -16.03 -25.06
CA GLY A 369 5.74 -16.91 -25.99
C GLY A 369 6.56 -16.23 -27.05
N ARG A 370 6.96 -14.98 -26.83
CA ARG A 370 7.72 -14.20 -27.81
C ARG A 370 8.97 -13.63 -27.14
N PRO A 371 9.96 -14.47 -26.89
CA PRO A 371 11.17 -13.98 -26.20
C PRO A 371 11.91 -12.94 -27.02
N ASP A 372 11.90 -13.12 -28.34
CA ASP A 372 12.38 -12.20 -29.36
C ASP A 372 11.90 -10.77 -29.15
N LEU A 373 10.61 -10.57 -29.41
CA LEU A 373 10.02 -9.25 -29.30
C LEU A 373 10.10 -8.73 -27.87
N THR A 374 9.89 -9.62 -26.90
CA THR A 374 9.97 -9.21 -25.49
C THR A 374 11.32 -8.58 -25.18
N ALA A 375 12.41 -9.30 -25.46
CA ALA A 375 13.73 -8.73 -25.22
C ALA A 375 13.96 -7.46 -26.02
N ASP A 376 13.36 -7.36 -27.22
CA ASP A 376 13.50 -6.13 -27.99
C ASP A 376 12.82 -4.94 -27.32
N LYS A 377 11.71 -5.17 -26.60
CA LYS A 377 10.86 -4.08 -26.10
C LYS A 377 10.83 -3.94 -24.58
N PHE A 378 11.31 -4.93 -23.84
CA PHE A 378 11.42 -4.85 -22.38
C PHE A 378 12.90 -5.01 -22.07
N ILE A 379 13.58 -3.89 -21.87
CA ILE A 379 15.03 -3.87 -21.75
C ILE A 379 15.38 -3.53 -20.32
N GLU A 380 16.63 -3.77 -19.97
CA GLU A 380 17.07 -3.45 -18.63
C GLU A 380 17.23 -1.95 -18.47
N ASN A 381 16.92 -1.45 -17.27
CA ASN A 381 16.96 -0.02 -17.00
C ASN A 381 18.24 0.29 -16.25
N PRO A 382 19.26 0.85 -16.91
CA PRO A 382 20.50 1.21 -16.19
C PRO A 382 20.27 2.22 -15.10
N TRP A 383 19.11 2.87 -15.06
CA TRP A 383 18.86 4.02 -14.20
C TRP A 383 17.85 3.73 -13.11
N ALA A 384 17.54 2.46 -12.85
CA ALA A 384 16.55 2.14 -11.83
C ALA A 384 17.09 2.48 -10.44
N MET A 385 16.31 3.27 -9.69
CA MET A 385 16.60 3.57 -8.29
C MET A 385 15.90 2.62 -7.32
N SER A 386 15.37 1.50 -7.78
CA SER A 386 14.79 0.49 -6.89
C SER A 386 14.51 -0.75 -7.72
N VAL A 387 14.25 -1.86 -7.03
CA VAL A 387 14.04 -3.12 -7.73
C VAL A 387 12.74 -3.09 -8.52
N GLU A 388 11.84 -2.16 -8.27
CA GLU A 388 10.61 -2.05 -9.06
C GLU A 388 10.76 -1.20 -10.32
N GLU A 389 12.00 -0.85 -10.71
CA GLU A 389 12.27 0.05 -11.83
C GLU A 389 13.29 -0.56 -12.80
N GLU A 390 13.60 -1.84 -12.68
CA GLU A 390 14.66 -2.45 -13.47
C GLU A 390 14.26 -2.80 -14.90
N LEU A 391 12.98 -2.67 -15.26
CA LEU A 391 12.48 -3.05 -16.58
C LEU A 391 11.88 -1.84 -17.27
N LEU A 392 12.46 -1.46 -18.40
CA LEU A 392 11.95 -0.38 -19.24
C LEU A 392 11.16 -0.98 -20.40
N TYR A 393 9.96 -0.49 -20.63
CA TYR A 393 9.20 -0.81 -21.82
C TYR A 393 9.32 0.35 -22.81
N ARG A 394 9.82 0.06 -24.02
CA ARG A 394 9.97 1.05 -25.09
C ARG A 394 8.64 1.16 -25.83
N THR A 395 7.97 2.30 -25.68
CA THR A 395 6.63 2.46 -26.23
C THR A 395 6.63 2.47 -27.75
N GLY A 396 7.74 2.87 -28.37
CA GLY A 396 7.73 3.18 -29.78
C GLY A 396 7.24 4.57 -30.13
N ASP A 397 6.70 5.32 -29.18
CA ASP A 397 6.33 6.70 -29.42
C ASP A 397 7.56 7.59 -29.32
N LEU A 398 7.55 8.69 -30.04
CA LEU A 398 8.56 9.72 -29.89
C LEU A 398 8.03 10.79 -28.95
N ALA A 399 8.90 11.29 -28.09
CA ALA A 399 8.49 12.24 -27.08
C ALA A 399 9.68 13.10 -26.67
N LYS A 400 9.34 14.18 -25.96
CA LYS A 400 10.33 15.07 -25.38
C LYS A 400 9.82 15.43 -24.00
N ILE A 401 10.76 15.74 -23.08
CA ILE A 401 10.43 16.26 -21.75
C ILE A 401 10.61 17.77 -21.80
N ASP A 402 9.58 18.52 -21.43
CA ASP A 402 9.60 19.97 -21.59
C ASP A 402 10.24 20.65 -20.36
N GLU A 403 10.41 21.96 -20.47
CA GLU A 403 11.03 22.71 -19.37
C GLU A 403 10.21 22.68 -18.09
N PHE A 404 9.12 21.93 -17.97
CA PHE A 404 8.37 21.81 -16.72
C PHE A 404 8.30 20.37 -16.24
N GLY A 405 9.18 19.52 -16.73
CA GLY A 405 9.11 18.14 -16.29
C GLY A 405 7.96 17.38 -16.89
N GLN A 406 7.31 17.92 -17.93
CA GLN A 406 6.16 17.31 -18.58
C GLN A 406 6.56 16.60 -19.85
N VAL A 407 5.98 15.43 -20.08
CA VAL A 407 6.23 14.64 -21.29
C VAL A 407 5.28 15.07 -22.39
N HIS A 408 5.81 15.23 -23.59
CA HIS A 408 5.03 15.57 -24.78
C HIS A 408 5.19 14.48 -25.83
N CYS A 409 4.06 13.95 -26.27
CA CYS A 409 4.04 12.93 -27.31
C CYS A 409 4.12 13.58 -28.68
N LEU A 410 4.79 12.89 -29.59
CA LEU A 410 5.08 13.47 -30.89
C LEU A 410 4.81 12.51 -32.06
N GLY A 411 4.29 11.32 -31.80
CA GLY A 411 4.02 10.33 -32.81
C GLY A 411 5.05 9.20 -32.80
N ARG A 412 4.77 8.19 -33.63
CA ARG A 412 5.58 6.97 -33.64
C ARG A 412 6.98 7.25 -34.17
N ALA A 413 7.87 6.30 -33.96
CA ALA A 413 9.27 6.45 -34.34
C ALA A 413 9.56 5.87 -35.72
N THR B 10 26.88 -19.16 23.73
CA THR B 10 28.09 -19.84 23.34
C THR B 10 28.37 -19.79 21.83
N LYS B 11 28.43 -18.56 21.28
CA LYS B 11 28.75 -18.32 19.87
C LYS B 11 27.61 -18.68 18.91
N ASN B 12 26.60 -19.38 19.41
CA ASN B 12 25.37 -19.61 18.65
C ASN B 12 24.20 -18.87 19.28
N VAL B 13 24.48 -18.00 20.25
CA VAL B 13 23.52 -17.09 20.87
C VAL B 13 24.19 -15.72 20.92
N ILE B 14 23.64 -14.73 20.20
CA ILE B 14 24.27 -13.43 20.05
C ILE B 14 23.48 -12.39 20.84
N ARG B 15 24.16 -11.67 21.71
CA ARG B 15 23.53 -10.67 22.57
C ARG B 15 24.10 -9.30 22.29
N GLY B 16 23.27 -8.28 22.44
CA GLY B 16 23.77 -6.94 22.49
C GLY B 16 24.45 -6.66 23.81
N LYS B 17 24.99 -5.46 23.91
CA LYS B 17 25.66 -5.06 25.13
C LYS B 17 24.71 -5.13 26.32
N TYR B 18 25.31 -5.37 27.49
CA TYR B 18 24.59 -5.63 28.74
C TYR B 18 24.29 -4.32 29.45
N HIS B 19 23.01 -3.96 29.53
CA HIS B 19 22.60 -2.66 30.07
C HIS B 19 21.35 -2.77 30.93
N PRO B 20 21.49 -3.34 32.13
CA PRO B 20 20.31 -3.44 33.01
C PRO B 20 19.74 -2.09 33.43
N GLU B 21 20.50 -1.00 33.37
CA GLU B 21 19.90 0.29 33.74
C GLU B 21 18.86 0.77 32.73
N PHE B 22 18.76 0.15 31.56
CA PHE B 22 17.73 0.54 30.60
C PHE B 22 16.36 -0.04 30.95
N LEU B 23 16.30 -0.90 31.97
CA LEU B 23 15.05 -1.41 32.49
C LEU B 23 14.75 -0.59 33.73
N GLN B 24 13.76 0.29 33.63
CA GLN B 24 13.36 1.12 34.76
C GLN B 24 11.91 0.83 35.07
N ASN B 25 11.48 1.20 36.26
CA ASN B 25 10.11 1.00 36.70
C ASN B 25 9.32 2.20 36.17
N GLU B 26 9.14 2.21 34.85
CA GLU B 26 8.64 3.40 34.17
C GLU B 26 7.61 3.02 33.11
N VAL B 27 6.86 4.04 32.69
CA VAL B 27 5.90 3.98 31.61
C VAL B 27 6.16 5.19 30.73
N LEU B 28 5.62 5.16 29.51
CA LEU B 28 5.91 6.24 28.56
C LEU B 28 5.61 7.61 29.13
N ALA B 29 4.51 7.75 29.85
CA ALA B 29 4.19 9.05 30.41
C ALA B 29 5.33 9.56 31.27
N ASP B 30 6.02 8.67 31.99
CA ASP B 30 7.18 9.11 32.75
C ASP B 30 8.20 9.79 31.85
N ILE B 31 8.56 9.12 30.74
CA ILE B 31 9.60 9.64 29.86
C ILE B 31 9.20 11.00 29.29
N PHE B 32 7.97 11.10 28.79
CA PHE B 32 7.58 12.38 28.26
C PHE B 32 7.57 13.45 29.36
N ALA B 33 7.03 13.12 30.53
CA ALA B 33 6.94 14.12 31.60
C ALA B 33 8.33 14.57 32.03
N HIS B 34 9.30 13.65 32.08
CA HIS B 34 10.65 14.05 32.41
C HIS B 34 11.14 15.11 31.44
N THR B 35 10.97 14.87 30.13
CA THR B 35 11.42 15.87 29.17
C THR B 35 10.64 17.18 29.32
N ALA B 36 9.34 17.11 29.55
CA ALA B 36 8.52 18.33 29.59
C ALA B 36 8.82 19.15 30.83
N GLN B 37 9.06 18.51 31.97
CA GLN B 37 9.39 19.27 33.17
C GLN B 37 10.80 19.83 33.10
N THR B 38 11.72 19.13 32.46
CA THR B 38 13.10 19.59 32.31
C THR B 38 13.31 20.60 31.19
N LEU B 39 12.46 20.57 30.15
CA LEU B 39 12.66 21.39 28.95
C LEU B 39 11.35 22.09 28.58
N PRO B 40 10.75 22.80 29.52
CA PRO B 40 9.41 23.35 29.24
C PRO B 40 9.36 24.26 28.03
N ASP B 41 10.37 25.11 27.87
CA ASP B 41 10.34 26.13 26.84
C ASP B 41 10.96 25.68 25.53
N LYS B 42 11.51 24.47 25.47
CA LYS B 42 12.05 24.01 24.20
C LYS B 42 10.90 23.68 23.24
N THR B 43 11.12 23.95 21.96
CA THR B 43 10.12 23.61 20.96
C THR B 43 10.07 22.10 20.77
N ALA B 44 8.88 21.52 20.96
CA ALA B 44 8.66 20.11 20.71
C ALA B 44 8.12 19.85 19.30
N LEU B 45 7.19 20.68 18.81
CA LEU B 45 6.50 20.38 17.57
C LEU B 45 6.48 21.57 16.62
N ILE B 46 6.80 21.33 15.35
CA ILE B 46 6.74 22.34 14.29
C ILE B 46 5.87 21.79 13.17
N GLU B 47 4.73 22.43 12.95
CA GLU B 47 3.85 22.10 11.83
C GLU B 47 3.67 23.36 11.01
N ALA B 48 4.35 23.42 9.84
CA ALA B 48 4.38 24.61 9.01
C ALA B 48 4.93 25.80 9.78
N ASP B 49 4.09 26.80 10.03
CA ASP B 49 4.49 27.95 10.83
C ASP B 49 3.89 27.93 12.23
N LYS B 50 3.26 26.82 12.63
CA LYS B 50 2.80 26.67 14.00
C LYS B 50 3.81 25.87 14.80
N THR B 51 4.07 26.34 16.03
CA THR B 51 5.01 25.67 16.92
C THR B 51 4.39 25.49 18.30
N LEU B 52 4.78 24.42 18.94
CA LEU B 52 4.33 24.09 20.28
C LEU B 52 5.54 23.67 21.08
N SER B 53 5.65 24.17 22.31
CA SER B 53 6.75 23.82 23.19
C SER B 53 6.39 22.56 24.00
N TYR B 54 7.41 21.97 24.63
CA TYR B 54 7.18 20.78 25.43
C TYR B 54 6.23 21.05 26.61
N GLY B 55 6.37 22.19 27.27
CA GLY B 55 5.47 22.48 28.38
C GLY B 55 4.04 22.70 27.92
N GLU B 56 3.87 23.50 26.86
CA GLU B 56 2.55 23.69 26.29
C GLU B 56 1.94 22.37 25.85
N LEU B 57 2.71 21.60 25.07
CA LEU B 57 2.23 20.30 24.63
C LEU B 57 1.80 19.44 25.80
N TYR B 58 2.59 19.48 26.89
CA TYR B 58 2.30 18.67 28.07
C TYR B 58 0.99 19.08 28.73
N GLN B 59 0.79 20.39 28.94
CA GLN B 59 -0.43 20.85 29.59
C GLN B 59 -1.67 20.59 28.72
N GLN B 60 -1.56 20.78 27.42
CA GLN B 60 -2.69 20.52 26.53
C GLN B 60 -3.04 19.03 26.48
N ALA B 61 -2.04 18.18 26.27
CA ALA B 61 -2.34 16.76 26.31
C ALA B 61 -2.88 16.35 27.68
N LEU B 62 -2.43 17.00 28.75
CA LEU B 62 -2.91 16.64 30.09
C LEU B 62 -4.39 16.98 30.25
N ILE B 63 -4.81 18.16 29.77
CA ILE B 63 -6.23 18.47 29.78
C ILE B 63 -7.00 17.41 29.01
N MET B 64 -6.49 17.02 27.84
CA MET B 64 -7.18 16.00 27.06
C MET B 64 -7.27 14.70 27.85
N ALA B 65 -6.18 14.31 28.49
CA ALA B 65 -6.18 13.06 29.25
C ALA B 65 -7.19 13.11 30.38
N GLN B 66 -7.29 14.27 31.03
CA GLN B 66 -8.29 14.42 32.09
C GLN B 66 -9.68 14.24 31.54
N HIS B 67 -9.94 14.81 30.35
CA HIS B 67 -11.24 14.60 29.72
C HIS B 67 -11.51 13.14 29.43
N LEU B 68 -10.48 12.42 28.95
CA LEU B 68 -10.67 10.99 28.72
C LEU B 68 -10.99 10.27 30.01
N ALA B 69 -10.27 10.61 31.07
CA ALA B 69 -10.47 9.99 32.37
C ALA B 69 -11.90 10.19 32.85
N LEU B 70 -12.38 11.44 32.82
CA LEU B 70 -13.77 11.69 33.17
C LEU B 70 -14.72 10.77 32.40
N LYS B 71 -14.48 10.60 31.10
CA LYS B 71 -15.31 9.75 30.24
C LYS B 71 -15.13 8.27 30.50
N GLY B 72 -14.27 7.89 31.44
CA GLY B 72 -14.15 6.51 31.86
C GLY B 72 -12.96 5.77 31.31
N VAL B 73 -12.07 6.43 30.58
CA VAL B 73 -10.86 5.76 30.12
C VAL B 73 -9.94 5.58 31.32
N LYS B 74 -9.48 4.35 31.53
CA LYS B 74 -8.61 3.99 32.63
C LYS B 74 -7.37 3.27 32.11
N PRO B 75 -6.31 3.20 32.90
CA PRO B 75 -5.12 2.47 32.46
C PRO B 75 -5.48 1.05 32.04
N GLY B 76 -4.82 0.58 30.99
CA GLY B 76 -5.11 -0.72 30.42
C GLY B 76 -6.11 -0.69 29.28
N HIS B 77 -6.87 0.41 29.14
CA HIS B 77 -7.80 0.57 28.04
C HIS B 77 -7.07 0.90 26.74
N ILE B 78 -7.77 0.68 25.63
CA ILE B 78 -7.25 1.00 24.31
C ILE B 78 -8.16 2.03 23.65
N VAL B 79 -7.56 3.08 23.10
CA VAL B 79 -8.28 4.16 22.45
C VAL B 79 -7.74 4.32 21.05
N GLY B 80 -8.63 4.39 20.05
CA GLY B 80 -8.20 4.56 18.69
C GLY B 80 -7.78 5.99 18.39
N LEU B 81 -6.83 6.10 17.48
CA LEU B 81 -6.26 7.38 17.10
C LEU B 81 -6.39 7.51 15.59
N TRP B 82 -7.17 8.50 15.13
CA TRP B 82 -7.35 8.73 13.69
C TRP B 82 -7.45 10.22 13.45
N LEU B 83 -6.32 10.82 13.09
CA LEU B 83 -6.25 12.25 12.82
C LEU B 83 -5.30 12.48 11.66
N PRO B 84 -5.44 13.59 10.97
CA PRO B 84 -4.48 13.92 9.90
C PRO B 84 -3.12 14.29 10.47
N ARG B 85 -2.08 13.99 9.69
CA ARG B 85 -0.72 14.35 10.07
C ARG B 85 -0.67 15.81 10.53
N GLY B 86 -0.05 16.04 11.68
CA GLY B 86 0.08 17.38 12.23
C GLY B 86 0.19 17.35 13.75
N ILE B 87 0.17 18.56 14.34
CA ILE B 87 0.35 18.67 15.79
C ILE B 87 -0.76 17.94 16.53
N GLU B 88 -2.01 18.14 16.11
CA GLU B 88 -3.13 17.59 16.87
C GLU B 88 -3.04 16.07 16.99
N LEU B 89 -2.52 15.39 15.96
CA LEU B 89 -2.36 13.93 16.02
C LEU B 89 -1.39 13.54 17.13
N LEU B 90 -0.24 14.21 17.18
CA LEU B 90 0.72 13.90 18.24
C LEU B 90 0.15 14.27 19.61
N LYS B 91 -0.54 15.40 19.69
CA LYS B 91 -1.17 15.79 20.94
C LYS B 91 -2.14 14.74 21.42
N ALA B 92 -2.98 14.20 20.53
CA ALA B 92 -3.97 13.20 20.93
C ALA B 92 -3.30 11.87 21.29
N GLN B 93 -2.29 11.48 20.53
CA GLN B 93 -1.51 10.30 20.90
C GLN B 93 -1.04 10.45 22.34
N LEU B 94 -0.45 11.60 22.63
CA LEU B 94 0.06 11.87 23.95
C LEU B 94 -1.05 11.92 24.99
N ALA B 95 -2.24 12.37 24.58
CA ALA B 95 -3.34 12.44 25.52
C ALA B 95 -3.78 11.05 25.95
N ILE B 96 -3.93 10.15 24.97
CA ILE B 96 -4.17 8.75 25.31
C ILE B 96 -3.12 8.26 26.28
N CYS B 97 -1.86 8.52 25.95
CA CYS B 97 -0.75 8.00 26.75
C CYS B 97 -0.82 8.51 28.20
N LEU B 98 -1.11 9.79 28.40
CA LEU B 98 -1.13 10.34 29.76
C LEU B 98 -2.35 9.88 30.52
N SER B 99 -3.42 9.50 29.83
CA SER B 99 -4.56 8.92 30.52
C SER B 99 -4.25 7.54 31.07
N GLY B 100 -3.08 6.98 30.73
CA GLY B 100 -2.71 5.63 31.13
C GLY B 100 -3.18 4.55 30.19
N ALA B 101 -4.02 4.89 29.22
CA ALA B 101 -4.52 3.93 28.24
C ALA B 101 -3.47 3.70 27.17
N ALA B 102 -3.70 2.68 26.35
CA ALA B 102 -2.87 2.42 25.19
C ALA B 102 -3.59 2.96 23.96
N TRP B 103 -2.85 3.37 22.95
CA TRP B 103 -3.50 3.84 21.74
C TRP B 103 -3.35 2.81 20.62
N LEU B 104 -4.32 2.83 19.71
CA LEU B 104 -4.42 1.98 18.54
C LEU B 104 -4.34 2.93 17.35
N PRO B 105 -3.19 3.04 16.69
CA PRO B 105 -3.02 4.09 15.68
C PRO B 105 -3.52 3.69 14.29
N PHE B 106 -4.20 4.64 13.63
CA PHE B 106 -4.74 4.45 12.28
C PHE B 106 -4.12 5.45 11.31
N ASP B 107 -3.61 4.95 10.18
CA ASP B 107 -3.10 5.80 9.11
C ASP B 107 -4.21 6.69 8.54
N MET B 108 -3.84 7.85 8.01
CA MET B 108 -4.84 8.76 7.43
C MET B 108 -5.75 8.06 6.44
N ASP B 109 -5.20 7.20 5.59
CA ASP B 109 -5.95 6.57 4.51
C ASP B 109 -6.54 5.20 4.90
N THR B 110 -6.95 5.02 6.14
CA THR B 110 -7.56 3.76 6.56
C THR B 110 -9.06 3.84 6.31
N PRO B 111 -9.65 2.90 5.56
CA PRO B 111 -11.11 2.93 5.35
C PRO B 111 -11.87 2.62 6.63
N ALA B 112 -13.05 3.24 6.75
CA ALA B 112 -13.83 3.15 7.99
C ALA B 112 -14.11 1.70 8.40
N ASP B 113 -14.27 0.80 7.44
CA ASP B 113 -14.52 -0.60 7.78
C ASP B 113 -13.36 -1.20 8.56
N ARG B 114 -12.13 -0.87 8.17
CA ARG B 114 -10.97 -1.38 8.88
C ARG B 114 -10.89 -0.79 10.29
N ILE B 115 -11.14 0.50 10.42
CA ILE B 115 -11.18 1.13 11.74
C ILE B 115 -12.15 0.38 12.63
N ALA B 116 -13.36 0.11 12.11
CA ALA B 116 -14.37 -0.59 12.90
C ALA B 116 -13.94 -2.01 13.26
N VAL B 117 -13.39 -2.74 12.29
CA VAL B 117 -12.93 -4.11 12.55
C VAL B 117 -11.86 -4.13 13.63
N CYS B 118 -10.92 -3.18 13.57
CA CYS B 118 -9.83 -3.15 14.53
C CYS B 118 -10.31 -2.75 15.92
N LEU B 119 -11.14 -1.71 16.01
CA LEU B 119 -11.68 -1.35 17.31
C LEU B 119 -12.47 -2.51 17.91
N GLU B 120 -13.27 -3.23 17.09
CA GLU B 120 -14.00 -4.38 17.62
C GLU B 120 -13.05 -5.48 18.06
N ASP B 121 -12.06 -5.81 17.24
CA ASP B 121 -11.11 -6.86 17.62
C ASP B 121 -10.38 -6.52 18.90
N ALA B 122 -10.02 -5.25 19.10
CA ALA B 122 -9.26 -4.80 20.26
C ALA B 122 -10.12 -4.45 21.47
N GLU B 123 -11.43 -4.41 21.32
CA GLU B 123 -12.33 -4.00 22.40
C GLU B 123 -11.99 -2.61 22.93
N ALA B 124 -11.66 -1.69 22.03
CA ALA B 124 -11.32 -0.34 22.45
C ALA B 124 -12.54 0.33 23.07
N VAL B 125 -12.31 1.13 24.11
CA VAL B 125 -13.41 1.88 24.73
C VAL B 125 -13.87 3.05 23.87
N GLY B 126 -13.17 3.35 22.79
CA GLY B 126 -13.51 4.50 21.98
C GLY B 126 -12.29 4.89 21.16
N MET B 127 -12.40 6.03 20.50
CA MET B 127 -11.33 6.53 19.65
C MET B 127 -11.40 8.04 19.59
N ILE B 128 -10.29 8.65 19.19
CA ILE B 128 -10.23 10.10 19.01
C ILE B 128 -10.11 10.41 17.52
N THR B 129 -10.72 11.51 17.09
CA THR B 129 -10.65 11.91 15.68
C THR B 129 -10.98 13.41 15.61
N THR B 130 -11.10 13.94 14.40
CA THR B 130 -11.36 15.36 14.24
C THR B 130 -12.84 15.65 14.02
N ASP B 131 -13.22 16.91 14.19
CA ASP B 131 -14.57 17.34 13.84
C ASP B 131 -14.90 16.97 12.40
N GLU B 132 -13.98 17.28 11.48
CA GLU B 132 -14.18 16.97 10.06
C GLU B 132 -14.37 15.47 9.85
N TRP B 133 -13.44 14.65 10.34
CA TRP B 133 -13.51 13.20 10.07
C TRP B 133 -14.59 12.48 10.88
N TYR B 134 -15.24 13.15 11.82
CA TYR B 134 -16.29 12.49 12.58
C TYR B 134 -17.40 11.95 11.68
N GLU B 135 -17.69 12.65 10.56
CA GLU B 135 -18.79 12.26 9.68
C GLU B 135 -18.47 11.01 8.88
N HIS B 136 -17.19 10.75 8.62
CA HIS B 136 -16.79 9.52 7.95
C HIS B 136 -17.04 8.29 8.80
N LEU B 137 -17.35 8.44 10.08
CA LEU B 137 -17.39 7.32 11.02
C LEU B 137 -18.80 6.94 11.44
N ALA B 138 -19.79 7.17 10.57
CA ALA B 138 -21.16 6.82 10.90
C ALA B 138 -21.33 5.31 11.10
N GLU B 139 -20.62 4.51 10.30
CA GLU B 139 -20.70 3.06 10.41
C GLU B 139 -19.96 2.49 11.62
N VAL B 140 -19.18 3.30 12.32
CA VAL B 140 -18.36 2.84 13.43
C VAL B 140 -19.20 2.93 14.71
N PRO B 141 -19.51 1.80 15.37
CA PRO B 141 -20.36 1.84 16.58
C PRO B 141 -19.67 2.37 17.83
N GLN B 142 -18.35 2.24 17.93
CA GLN B 142 -17.68 2.68 19.15
C GLN B 142 -17.82 4.18 19.32
N THR B 143 -17.63 4.62 20.56
CA THR B 143 -17.66 6.04 20.84
C THR B 143 -16.52 6.76 20.15
N LYS B 144 -16.83 7.91 19.56
CA LYS B 144 -15.85 8.75 18.88
C LYS B 144 -15.82 10.10 19.57
N TRP B 145 -14.66 10.45 20.10
CA TRP B 145 -14.44 11.77 20.67
C TRP B 145 -13.64 12.58 19.66
N THR B 146 -13.90 13.88 19.63
CA THR B 146 -13.11 14.79 18.83
C THR B 146 -12.06 15.43 19.72
N ASN B 147 -10.89 15.70 19.15
CA ASN B 147 -9.89 16.44 19.88
C ASN B 147 -10.46 17.76 20.41
N THR B 148 -11.33 18.40 19.62
CA THR B 148 -11.92 19.67 20.04
C THR B 148 -12.71 19.53 21.33
N GLU B 149 -13.60 18.55 21.41
CA GLU B 149 -14.33 18.38 22.66
C GLU B 149 -13.39 17.96 23.79
N LEU B 150 -12.38 17.14 23.48
CA LEU B 150 -11.44 16.80 24.55
C LEU B 150 -10.56 17.96 24.97
N GLN B 151 -10.65 19.11 24.31
CA GLN B 151 -9.81 20.26 24.62
C GLN B 151 -10.55 21.38 25.36
N LYS B 152 -11.80 21.16 25.77
CA LYS B 152 -12.54 22.20 26.48
C LYS B 152 -12.12 22.24 27.96
N PRO B 153 -12.22 23.41 28.60
CA PRO B 153 -11.77 23.54 30.00
C PRO B 153 -12.53 22.65 30.97
N LEU B 154 -11.89 22.38 32.11
CA LEU B 154 -12.41 21.50 33.16
C LEU B 154 -12.78 22.26 34.43
N SER B 155 -13.83 21.79 35.10
CA SER B 155 -14.29 22.43 36.33
C SER B 155 -13.39 22.09 37.51
N GLU B 156 -13.02 20.82 37.66
CA GLU B 156 -12.13 20.41 38.75
C GLU B 156 -11.06 19.48 38.20
N SER B 157 -9.84 19.64 38.69
CA SER B 157 -8.77 18.75 38.25
C SER B 157 -9.17 17.31 38.58
N VAL B 158 -8.79 16.39 37.69
CA VAL B 158 -9.08 14.98 37.87
C VAL B 158 -7.75 14.24 38.00
N SER B 159 -7.62 13.46 39.07
CA SER B 159 -6.38 12.73 39.29
C SER B 159 -6.34 11.57 38.31
N LEU B 160 -5.25 11.46 37.56
CA LEU B 160 -5.13 10.47 36.52
C LEU B 160 -4.52 9.21 37.13
N ALA B 161 -5.19 8.08 36.97
CA ALA B 161 -4.63 6.83 37.43
C ALA B 161 -3.36 6.52 36.66
N LYS B 162 -2.37 5.98 37.36
CA LYS B 162 -1.10 5.67 36.72
C LYS B 162 -1.15 4.26 36.13
N THR B 163 -0.65 4.13 34.91
CA THR B 163 -0.50 2.81 34.31
C THR B 163 0.78 2.19 34.87
N THR B 164 1.05 0.95 34.48
CA THR B 164 2.20 0.21 34.97
C THR B 164 2.94 -0.47 33.82
N PRO B 165 4.18 -0.89 34.04
CA PRO B 165 4.99 -1.44 32.92
C PRO B 165 4.35 -2.64 32.24
N ASP B 166 3.50 -3.39 32.95
CA ASP B 166 2.84 -4.57 32.43
C ASP B 166 1.69 -4.25 31.49
N GLN B 167 1.21 -3.01 31.51
CA GLN B 167 0.06 -2.63 30.71
C GLN B 167 0.45 -2.29 29.29
N PRO B 168 -0.49 -2.41 28.34
CA PRO B 168 -0.20 -2.03 26.95
C PRO B 168 0.11 -0.55 26.84
N ALA B 169 1.04 -0.23 25.94
CA ALA B 169 1.31 1.13 25.51
C ALA B 169 0.65 1.42 24.17
N TYR B 170 0.68 0.47 23.25
CA TYR B 170 -0.04 0.65 22.00
C TYR B 170 -0.28 -0.71 21.38
N ILE B 171 -1.27 -0.74 20.48
CA ILE B 171 -1.64 -1.91 19.71
C ILE B 171 -1.46 -1.54 18.26
N ILE B 172 -0.52 -2.19 17.59
CA ILE B 172 -0.21 -1.90 16.20
C ILE B 172 -0.70 -3.08 15.35
N TYR B 173 -1.52 -2.77 14.36
CA TYR B 173 -2.12 -3.78 13.49
C TYR B 173 -1.38 -3.85 12.16
N THR B 174 -1.13 -5.07 11.69
CA THR B 174 -0.63 -5.28 10.34
C THR B 174 -1.28 -4.32 9.33
N SER B 175 -0.45 -3.68 8.52
CA SER B 175 -0.87 -2.59 7.63
C SER B 175 -1.54 -3.07 6.34
N GLY B 176 -1.67 -4.37 6.13
CA GLY B 176 -2.24 -4.85 4.88
C GLY B 176 -3.63 -4.31 4.61
N SER B 177 -3.91 -4.07 3.33
CA SER B 177 -5.22 -3.58 2.88
C SER B 177 -6.29 -4.66 2.85
N THR B 178 -5.90 -5.92 2.61
CA THR B 178 -6.84 -7.03 2.52
C THR B 178 -6.61 -8.02 3.65
N GLY B 179 -7.69 -8.66 4.08
CA GLY B 179 -7.60 -9.74 5.05
C GLY B 179 -7.95 -9.29 6.46
N LYS B 180 -7.94 -10.25 7.37
CA LYS B 180 -8.22 -9.97 8.78
C LYS B 180 -6.98 -9.36 9.44
N PRO B 181 -7.06 -8.12 9.92
CA PRO B 181 -5.90 -7.52 10.57
C PRO B 181 -5.53 -8.24 11.86
N LYS B 182 -4.25 -8.17 12.20
CA LYS B 182 -3.63 -8.85 13.33
C LYS B 182 -3.04 -7.81 14.27
N GLY B 183 -3.57 -7.75 15.50
CA GLY B 183 -3.16 -6.72 16.45
C GLY B 183 -2.01 -7.18 17.32
N ILE B 184 -0.98 -6.34 17.41
CA ILE B 184 0.24 -6.65 18.18
C ILE B 184 0.29 -5.78 19.43
N VAL B 185 0.35 -6.43 20.59
CA VAL B 185 0.30 -5.76 21.89
C VAL B 185 1.72 -5.47 22.38
N ILE B 186 2.09 -4.18 22.45
CA ILE B 186 3.38 -3.73 22.96
C ILE B 186 3.20 -3.17 24.36
N THR B 187 3.98 -3.65 25.33
CA THR B 187 3.78 -3.14 26.69
C THR B 187 4.60 -1.87 26.93
N GLN B 188 4.19 -1.12 27.96
CA GLN B 188 4.99 0.03 28.41
C GLN B 188 6.45 -0.35 28.57
N LYS B 189 6.70 -1.48 29.24
CA LYS B 189 8.07 -1.94 29.45
C LYS B 189 8.79 -2.20 28.13
N ASN B 190 8.15 -2.93 27.21
CA ASN B 190 8.73 -3.17 25.89
C ASN B 190 9.27 -1.88 25.29
N ILE B 191 8.41 -0.86 25.19
CA ILE B 191 8.74 0.32 24.39
C ILE B 191 9.71 1.24 25.14
N CYS B 192 9.53 1.41 26.46
CA CYS B 192 10.50 2.20 27.20
C CYS B 192 11.89 1.58 27.09
N HIS B 193 11.95 0.24 27.19
CA HIS B 193 13.23 -0.39 27.02
C HIS B 193 13.79 -0.14 25.63
N PHE B 194 12.96 -0.30 24.58
CA PHE B 194 13.49 -0.08 23.24
C PHE B 194 14.03 1.32 23.09
N LEU B 195 13.31 2.31 23.57
CA LEU B 195 13.75 3.69 23.43
C LEU B 195 15.13 3.89 24.04
N ARG B 196 15.33 3.41 25.27
CA ARG B 196 16.66 3.57 25.87
C ARG B 196 17.72 2.74 25.14
N SER B 197 17.37 1.52 24.73
CA SER B 197 18.34 0.64 24.09
C SER B 197 18.80 1.18 22.74
N GLU B 198 17.85 1.58 21.88
CA GLU B 198 18.27 2.09 20.59
C GLU B 198 18.91 3.46 20.73
N ASN B 199 18.42 4.32 21.62
CA ASN B 199 19.06 5.62 21.66
C ASN B 199 20.45 5.56 22.26
N SER B 200 20.78 4.55 23.06
CA SER B 200 22.17 4.48 23.52
C SER B 200 23.14 4.40 22.35
N ILE B 201 22.68 3.99 21.17
CA ILE B 201 23.52 3.82 20.00
C ILE B 201 23.28 4.92 18.97
N LEU B 202 22.01 5.16 18.61
CA LEU B 202 21.69 6.25 17.67
C LEU B 202 22.18 7.60 18.21
N GLY B 203 21.93 7.87 19.48
CA GLY B 203 22.36 9.10 20.09
C GLY B 203 21.64 10.35 19.61
N ILE B 204 20.32 10.27 19.44
CA ILE B 204 19.54 11.46 19.15
C ILE B 204 19.76 12.44 20.30
N GLN B 205 19.94 13.71 19.98
CA GLN B 205 20.34 14.70 20.96
C GLN B 205 19.26 15.74 21.13
N GLU B 206 19.34 16.46 22.25
CA GLU B 206 18.42 17.56 22.52
C GLU B 206 18.48 18.61 21.41
N GLN B 207 19.68 18.84 20.86
CA GLN B 207 19.85 19.85 19.82
C GLN B 207 19.27 19.43 18.48
N ASP B 208 18.94 18.15 18.32
CA ASP B 208 18.51 17.65 17.02
C ASP B 208 17.14 18.17 16.64
N LYS B 209 16.98 18.39 15.34
CA LYS B 209 15.72 18.68 14.69
C LYS B 209 15.36 17.47 13.85
N VAL B 210 14.27 16.81 14.19
CA VAL B 210 13.95 15.49 13.66
C VAL B 210 12.77 15.61 12.71
N TYR B 211 12.96 15.18 11.47
CA TYR B 211 11.85 15.07 10.54
C TYR B 211 10.87 14.00 11.02
N GLN B 212 9.59 14.34 11.04
CA GLN B 212 8.54 13.41 11.44
C GLN B 212 7.65 13.16 10.21
N GLY B 213 7.97 12.13 9.43
CA GLY B 213 7.29 11.86 8.19
C GLY B 213 6.48 10.58 8.12
N PHE B 214 6.72 9.63 9.04
CA PHE B 214 6.00 8.36 9.01
C PHE B 214 4.61 8.50 9.61
N SER B 215 3.69 7.73 9.05
CA SER B 215 2.36 7.57 9.64
C SER B 215 2.49 6.97 11.03
N VAL B 216 1.61 7.37 11.93
CA VAL B 216 1.55 6.74 13.24
C VAL B 216 1.24 5.25 13.15
N ALA B 217 0.79 4.77 12.01
CA ALA B 217 0.55 3.35 11.92
C ALA B 217 1.82 2.53 11.72
N PHE B 218 2.97 3.16 11.52
CA PHE B 218 4.21 2.43 11.27
C PHE B 218 5.18 2.54 12.46
N ASP B 219 5.98 1.48 12.61
CA ASP B 219 6.92 1.36 13.72
C ASP B 219 7.89 2.54 13.76
N MET B 220 8.41 2.94 12.60
CA MET B 220 9.44 3.97 12.59
C MET B 220 8.94 5.31 13.08
N SER B 221 7.62 5.52 13.13
CA SER B 221 7.13 6.73 13.76
C SER B 221 7.58 6.80 15.22
N PHE B 222 7.68 5.64 15.88
CA PHE B 222 8.23 5.61 17.24
C PHE B 222 9.68 6.06 17.26
N GLU B 223 10.48 5.65 16.29
CA GLU B 223 11.84 6.18 16.26
C GLU B 223 11.84 7.68 16.01
N GLU B 224 10.89 8.20 15.23
CA GLU B 224 10.87 9.64 14.96
C GLU B 224 10.37 10.42 16.17
N ILE B 225 9.25 9.98 16.74
CA ILE B 225 8.54 10.76 17.74
C ILE B 225 9.17 10.51 19.11
N TRP B 226 9.20 9.25 19.54
CA TRP B 226 9.44 9.03 20.95
C TRP B 226 10.91 9.12 21.30
N LEU B 227 11.82 8.68 20.41
CA LEU B 227 13.23 8.96 20.67
C LEU B 227 13.41 10.45 20.88
N SER B 228 12.72 11.27 20.09
CA SER B 228 12.81 12.72 20.27
C SER B 228 12.26 13.13 21.64
N TYR B 229 11.07 12.64 22.00
CA TYR B 229 10.54 12.94 23.32
C TYR B 229 11.53 12.50 24.40
N LEU B 230 12.29 11.44 24.15
CA LEU B 230 13.18 10.93 25.17
C LEU B 230 14.22 12.00 25.56
N VAL B 231 14.75 12.73 24.59
CA VAL B 231 15.81 13.70 24.87
C VAL B 231 15.39 15.13 24.64
N GLY B 232 14.12 15.40 24.33
CA GLY B 232 13.73 16.77 24.07
C GLY B 232 14.20 17.33 22.73
N ALA B 233 14.34 16.48 21.71
CA ALA B 233 14.61 17.02 20.39
C ALA B 233 13.35 17.67 19.84
N THR B 234 13.53 18.46 18.78
CA THR B 234 12.42 19.12 18.10
C THR B 234 11.98 18.34 16.88
N LEU B 235 10.66 18.15 16.72
CA LEU B 235 10.09 17.40 15.61
C LEU B 235 9.47 18.34 14.59
N TRP B 236 9.83 18.17 13.32
CA TRP B 236 9.23 18.88 12.20
C TRP B 236 8.25 17.95 11.49
N ILE B 237 6.96 18.27 11.53
CA ILE B 237 5.92 17.32 11.14
C ILE B 237 5.52 17.49 9.67
N ALA B 238 5.69 16.42 8.89
CA ALA B 238 5.46 16.51 7.45
C ALA B 238 3.96 16.57 7.13
N PRO B 239 3.56 17.38 6.18
CA PRO B 239 2.20 17.26 5.64
C PRO B 239 2.09 16.06 4.70
N LYS B 240 0.86 15.57 4.57
CA LYS B 240 0.60 14.40 3.71
C LYS B 240 1.16 14.60 2.30
N SER B 241 1.11 15.82 1.78
CA SER B 241 1.57 16.05 0.41
C SER B 241 3.07 15.87 0.25
N LEU B 242 3.85 16.06 1.32
CA LEU B 242 5.31 15.97 1.22
C LEU B 242 5.81 14.53 1.26
N VAL B 243 5.07 13.67 1.96
CA VAL B 243 5.44 12.28 2.20
C VAL B 243 5.59 11.44 0.93
N SER B 244 4.97 11.86 -0.16
CA SER B 244 5.08 11.10 -1.40
C SER B 244 5.85 11.88 -2.47
N ASP B 245 6.61 12.89 -2.05
CA ASP B 245 7.25 13.83 -2.95
C ASP B 245 8.75 13.90 -2.64
N PRO B 246 9.53 12.88 -3.03
CA PRO B 246 10.93 12.84 -2.57
C PRO B 246 11.78 14.04 -2.94
N GLU B 247 11.66 14.61 -4.13
CA GLU B 247 12.51 15.76 -4.48
C GLU B 247 12.14 16.98 -3.63
N ARG B 248 10.84 17.25 -3.51
CA ARG B 248 10.39 18.34 -2.66
C ARG B 248 10.80 18.10 -1.20
N LEU B 249 10.77 16.84 -0.76
CA LEU B 249 11.20 16.53 0.60
C LEU B 249 12.67 16.81 0.78
N CYS B 250 13.48 16.40 -0.18
CA CYS B 250 14.91 16.68 -0.14
C CYS B 250 15.16 18.17 -0.01
N GLN B 251 14.42 19.01 -0.75
CA GLN B 251 14.66 20.45 -0.60
C GLN B 251 14.20 20.96 0.77
N THR B 252 13.09 20.42 1.28
CA THR B 252 12.58 20.81 2.59
C THR B 252 13.56 20.49 3.70
N LEU B 253 14.20 19.32 3.62
CA LEU B 253 15.13 18.90 4.66
C LEU B 253 16.28 19.90 4.78
N LYS B 254 16.75 20.41 3.64
CA LYS B 254 17.76 21.45 3.64
C LYS B 254 17.19 22.76 4.18
N GLN B 255 16.04 23.19 3.64
CA GLN B 255 15.52 24.50 4.02
C GLN B 255 15.11 24.55 5.48
N GLU B 256 14.57 23.46 6.01
CA GLU B 256 14.16 23.46 7.41
C GLU B 256 15.32 23.11 8.35
N GLN B 257 16.51 22.84 7.82
CA GLN B 257 17.69 22.61 8.64
C GLN B 257 17.49 21.38 9.51
N ILE B 258 17.00 20.31 8.89
CA ILE B 258 16.78 19.07 9.63
C ILE B 258 18.13 18.42 9.89
N THR B 259 18.27 17.78 11.04
CA THR B 259 19.51 17.06 11.32
C THR B 259 19.33 15.55 11.46
N VAL B 260 18.11 15.03 11.57
CA VAL B 260 17.89 13.60 11.78
C VAL B 260 16.79 13.15 10.85
N LEU B 261 17.10 12.22 9.95
CA LEU B 261 16.13 11.60 9.05
C LEU B 261 16.03 10.11 9.35
N HIS B 262 14.84 9.66 9.72
CA HIS B 262 14.48 8.24 9.71
C HIS B 262 13.68 7.93 8.43
N ALA B 263 14.11 6.94 7.67
CA ALA B 263 13.42 6.59 6.43
C ALA B 263 13.85 5.19 5.98
N VAL B 264 13.36 4.79 4.81
CA VAL B 264 13.66 3.52 4.19
C VAL B 264 14.57 3.75 3.00
N PRO B 265 15.36 2.75 2.60
CA PRO B 265 16.35 2.99 1.55
C PRO B 265 15.80 3.58 0.28
N THR B 266 14.62 3.11 -0.19
CA THR B 266 14.11 3.56 -1.49
C THR B 266 13.79 5.05 -1.49
N LEU B 267 13.26 5.56 -0.37
CA LEU B 267 13.07 7.01 -0.26
C LEU B 267 14.39 7.75 -0.38
N LEU B 268 15.39 7.34 0.40
CA LEU B 268 16.68 8.02 0.30
C LEU B 268 17.21 7.97 -1.13
N ALA B 269 17.04 6.83 -1.82
CA ALA B 269 17.55 6.70 -3.18
C ALA B 269 16.91 7.71 -4.12
N LEU B 270 15.66 8.07 -3.88
CA LEU B 270 15.04 9.08 -4.72
C LEU B 270 15.47 10.52 -4.36
N PHE B 271 16.56 10.71 -3.56
CA PHE B 271 16.90 12.11 -3.32
C PHE B 271 17.86 12.63 -4.40
N PRO B 272 17.56 13.73 -5.06
CA PRO B 272 18.49 14.23 -6.08
C PRO B 272 19.82 14.67 -5.47
N GLU B 273 19.81 15.54 -4.47
CA GLU B 273 21.05 16.06 -3.88
C GLU B 273 21.33 15.45 -2.52
N ASP B 274 22.57 15.60 -2.09
CA ASP B 274 22.93 15.39 -0.68
C ASP B 274 22.20 16.41 0.20
N VAL B 275 22.01 16.07 1.46
CA VAL B 275 21.43 16.96 2.44
C VAL B 275 22.46 17.13 3.55
N PRO B 276 23.30 18.17 3.49
CA PRO B 276 24.47 18.20 4.38
C PRO B 276 24.10 18.24 5.84
N ASN B 277 23.05 18.95 6.21
CA ASN B 277 22.84 19.14 7.65
C ASN B 277 22.41 17.86 8.37
N LEU B 278 22.45 16.66 7.78
CA LEU B 278 21.92 15.46 8.43
C LEU B 278 23.02 14.83 9.27
N ARG B 279 22.90 14.97 10.59
CA ARG B 279 23.72 14.20 11.52
C ARG B 279 23.49 12.71 11.32
N ILE B 280 22.24 12.28 11.54
CA ILE B 280 21.85 10.87 11.60
C ILE B 280 20.94 10.57 10.43
N ILE B 281 21.18 9.42 9.79
CA ILE B 281 20.31 8.86 8.78
C ILE B 281 20.08 7.42 9.22
N ASN B 282 18.84 7.11 9.58
CA ASN B 282 18.47 5.78 10.07
C ASN B 282 17.53 5.14 9.06
N LEU B 283 18.04 4.14 8.32
CA LEU B 283 17.24 3.44 7.31
C LEU B 283 16.71 2.14 7.90
N GLY B 284 15.39 1.96 7.87
CA GLY B 284 14.78 0.75 8.35
C GLY B 284 13.94 0.04 7.29
N GLY B 285 13.49 -1.16 7.63
CA GLY B 285 12.66 -1.86 6.68
C GLY B 285 13.45 -2.75 5.75
N GLU B 286 14.21 -2.17 4.81
CA GLU B 286 14.96 -2.94 3.84
C GLU B 286 16.44 -2.77 4.05
N MET B 287 17.19 -3.85 3.83
CA MET B 287 18.63 -3.79 3.91
C MET B 287 19.18 -2.85 2.85
N CYS B 288 19.92 -1.84 3.29
CA CYS B 288 20.41 -0.81 2.38
C CYS B 288 21.28 -1.41 1.29
N PRO B 289 21.03 -1.10 0.02
CA PRO B 289 21.92 -1.58 -1.03
C PRO B 289 23.22 -0.80 -1.08
N ASP B 290 24.24 -1.46 -1.65
CA ASP B 290 25.60 -0.92 -1.64
C ASP B 290 25.68 0.43 -2.34
N SER B 291 24.94 0.60 -3.45
CA SER B 291 24.99 1.85 -4.20
C SER B 291 24.57 3.02 -3.34
N LEU B 292 23.56 2.82 -2.49
CA LEU B 292 23.14 3.88 -1.58
C LEU B 292 24.21 4.17 -0.53
N VAL B 293 24.79 3.12 0.07
CA VAL B 293 25.85 3.34 1.06
C VAL B 293 26.94 4.19 0.45
N ASP B 294 27.42 3.80 -0.72
CA ASP B 294 28.44 4.58 -1.38
C ASP B 294 27.99 6.02 -1.62
N ARG B 295 26.71 6.21 -1.96
CA ARG B 295 26.23 7.56 -2.26
C ARG B 295 26.17 8.45 -1.03
N TRP B 296 25.89 7.87 0.15
CA TRP B 296 25.48 8.64 1.33
C TRP B 296 26.33 8.42 2.58
N ALA B 297 27.13 7.35 2.65
CA ALA B 297 27.95 7.03 3.82
C ALA B 297 29.20 7.90 3.84
N LEU B 298 28.98 9.19 3.97
CA LEU B 298 30.03 10.19 3.96
C LEU B 298 30.51 10.49 5.37
N PRO B 299 31.57 11.29 5.50
CA PRO B 299 32.06 11.63 6.84
C PRO B 299 31.05 12.43 7.64
N HIS B 300 30.40 13.43 7.02
CA HIS B 300 29.46 14.29 7.72
C HIS B 300 28.09 13.63 7.94
N HIS B 301 27.98 12.34 7.63
CA HIS B 301 26.75 11.57 7.84
C HIS B 301 27.09 10.34 8.65
N GLN B 302 26.27 10.07 9.66
CA GLN B 302 26.28 8.79 10.36
C GLN B 302 25.07 8.01 9.88
N MET B 303 25.32 7.03 9.00
CA MET B 303 24.29 6.29 8.33
C MET B 303 24.10 4.94 8.99
N PHE B 304 22.86 4.63 9.37
CA PHE B 304 22.53 3.42 10.08
C PHE B 304 21.50 2.59 9.33
N ASN B 305 21.50 1.30 9.60
CA ASN B 305 20.53 0.37 9.04
C ASN B 305 19.96 -0.40 10.22
N THR B 306 18.68 -0.20 10.52
CA THR B 306 18.04 -0.87 11.65
C THR B 306 17.08 -1.91 11.12
N TYR B 307 17.05 -3.07 11.77
CA TYR B 307 16.24 -4.19 11.36
C TYR B 307 15.47 -4.73 12.56
N GLY B 308 14.27 -5.27 12.30
CA GLY B 308 13.47 -5.89 13.33
C GLY B 308 11.98 -5.95 13.07
N PRO B 309 11.34 -7.02 13.52
CA PRO B 309 9.88 -7.12 13.40
C PRO B 309 9.16 -6.24 14.40
N THR B 310 7.90 -5.95 14.06
CA THR B 310 7.05 -5.24 15.00
C THR B 310 6.89 -6.02 16.30
N GLU B 311 6.92 -7.36 16.24
CA GLU B 311 6.69 -8.18 17.44
C GLU B 311 7.78 -8.03 18.49
N THR B 312 8.86 -7.33 18.19
CA THR B 312 9.93 -7.08 19.15
C THR B 312 10.21 -5.59 19.28
N THR B 313 9.17 -4.77 19.11
CA THR B 313 9.22 -3.34 19.37
C THR B 313 10.19 -2.62 18.43
N VAL B 314 9.71 -2.28 17.22
CA VAL B 314 10.33 -1.28 16.36
C VAL B 314 11.64 -1.78 15.74
N SER B 315 12.65 -2.07 16.56
CA SER B 315 13.91 -2.58 16.01
C SER B 315 14.52 -3.61 16.95
N ALA B 316 15.25 -4.56 16.37
CA ALA B 316 15.96 -5.55 17.15
C ALA B 316 17.46 -5.54 16.92
N SER B 317 17.92 -5.07 15.77
CA SER B 317 19.36 -4.94 15.54
C SER B 317 19.60 -3.65 14.80
N LEU B 318 20.86 -3.21 14.88
CA LEU B 318 21.30 -1.95 14.34
C LEU B 318 22.68 -2.17 13.75
N GLU B 319 22.99 -1.49 12.65
CA GLU B 319 24.28 -1.66 11.99
C GLU B 319 24.70 -0.33 11.40
N LEU B 320 25.97 0.05 11.60
CA LEU B 320 26.53 1.28 11.06
C LEU B 320 27.09 1.04 9.66
N LEU B 321 26.71 1.89 8.69
CA LEU B 321 27.09 1.74 7.29
C LEU B 321 28.26 2.66 6.94
N GLU B 322 29.22 2.11 6.21
CA GLU B 322 30.42 2.83 5.79
C GLU B 322 30.81 2.36 4.40
N ARG B 323 31.30 3.29 3.60
CA ARG B 323 31.65 2.96 2.22
C ARG B 323 32.62 1.79 2.20
N GLY B 324 32.33 0.80 1.38
CA GLY B 324 33.21 -0.34 1.22
C GLY B 324 33.01 -1.45 2.22
N LYS B 325 32.24 -1.20 3.28
CA LYS B 325 32.00 -2.29 4.22
C LYS B 325 30.68 -2.95 3.87
N PRO B 326 30.66 -4.28 3.77
CA PRO B 326 29.42 -4.98 3.40
C PRO B 326 28.30 -4.71 4.40
N VAL B 327 27.09 -4.74 3.90
CA VAL B 327 25.91 -4.41 4.69
C VAL B 327 25.33 -5.68 5.30
N THR B 328 25.05 -5.64 6.61
CA THR B 328 24.38 -6.72 7.33
C THR B 328 23.39 -6.13 8.32
N ILE B 329 22.62 -7.00 8.98
CA ILE B 329 21.68 -6.51 10.00
C ILE B 329 22.40 -5.99 11.23
N GLY B 330 23.68 -6.28 11.40
CA GLY B 330 24.42 -5.70 12.50
C GLY B 330 24.31 -6.50 13.79
N LYS B 331 24.74 -5.83 14.90
CA LYS B 331 24.66 -6.52 16.17
C LYS B 331 23.33 -6.20 16.84
N PRO B 332 22.80 -7.11 17.64
CA PRO B 332 21.56 -6.80 18.36
C PRO B 332 21.72 -5.53 19.21
N LEU B 333 20.58 -4.87 19.45
CA LEU B 333 20.55 -3.73 20.34
C LEU B 333 20.85 -4.19 21.76
N PRO B 334 21.22 -3.28 22.65
CA PRO B 334 21.50 -3.67 24.04
C PRO B 334 20.33 -4.43 24.67
N ASN B 335 20.65 -5.55 25.30
CA ASN B 335 19.70 -6.42 26.00
C ASN B 335 18.81 -7.19 25.02
N TYR B 336 18.99 -7.04 23.71
CA TYR B 336 18.37 -7.93 22.74
C TYR B 336 19.29 -9.12 22.48
N GLY B 337 18.70 -10.22 22.02
CA GLY B 337 19.47 -11.39 21.64
C GLY B 337 18.84 -12.15 20.50
N MET B 338 19.67 -12.86 19.76
CA MET B 338 19.22 -13.65 18.62
C MET B 338 19.84 -15.03 18.63
N LEU B 339 19.06 -16.01 18.21
CA LEU B 339 19.57 -17.35 18.02
C LEU B 339 18.88 -17.97 16.82
N VAL B 340 19.33 -19.16 16.42
CA VAL B 340 18.78 -19.87 15.29
C VAL B 340 18.31 -21.24 15.76
N ILE B 341 17.12 -21.64 15.30
CA ILE B 341 16.55 -22.93 15.68
C ILE B 341 16.08 -23.69 14.44
N ASN B 342 15.84 -24.99 14.63
CA ASN B 342 15.36 -25.81 13.53
C ASN B 342 13.85 -25.79 13.51
N SER B 343 13.27 -26.51 12.54
CA SER B 343 11.83 -26.50 12.33
C SER B 343 11.05 -27.10 13.50
N GLU B 344 11.72 -27.76 14.45
CA GLU B 344 11.06 -28.40 15.58
C GLU B 344 11.55 -27.81 16.91
N ARG B 345 11.75 -26.50 16.94
CA ARG B 345 12.03 -25.81 18.20
C ARG B 345 13.25 -26.40 18.89
N GLU B 346 14.38 -26.45 18.19
CA GLU B 346 15.63 -26.86 18.82
C GLU B 346 16.76 -25.95 18.40
N LEU B 347 17.59 -25.55 19.37
CA LEU B 347 18.74 -24.70 19.09
C LEU B 347 19.65 -25.36 18.06
N LEU B 348 20.27 -24.55 17.20
CA LEU B 348 21.15 -25.03 16.14
C LEU B 348 22.60 -24.69 16.46
N GLU B 349 23.51 -25.54 16.00
CA GLU B 349 24.94 -25.25 16.17
C GLU B 349 25.34 -24.04 15.34
N GLN B 350 26.32 -23.29 15.85
CA GLN B 350 26.78 -22.10 15.14
C GLN B 350 27.23 -22.49 13.75
N GLY B 351 26.80 -21.72 12.75
CA GLY B 351 27.13 -21.99 11.38
C GLY B 351 26.02 -22.66 10.60
N GLU B 352 25.09 -23.31 11.28
CA GLU B 352 23.96 -23.93 10.60
C GLU B 352 22.94 -22.88 10.18
N THR B 353 22.00 -23.27 9.32
CA THR B 353 20.95 -22.40 8.83
C THR B 353 19.62 -22.79 9.47
N GLY B 354 18.90 -21.80 10.00
CA GLY B 354 17.65 -22.06 10.67
C GLY B 354 16.73 -20.86 10.74
N GLU B 355 15.74 -20.94 11.61
CA GLU B 355 14.84 -19.83 11.82
C GLU B 355 15.43 -18.88 12.85
N LEU B 356 15.51 -17.60 12.49
CA LEU B 356 15.97 -16.54 13.38
C LEU B 356 14.91 -16.26 14.43
N CYS B 357 15.33 -16.33 15.69
CA CYS B 357 14.49 -16.00 16.82
C CYS B 357 15.12 -14.85 17.58
N ILE B 358 14.26 -14.01 18.14
CA ILE B 358 14.67 -12.84 18.92
C ILE B 358 14.17 -13.01 20.34
N PHE B 359 14.99 -12.60 21.30
CA PHE B 359 14.58 -12.61 22.70
C PHE B 359 15.06 -11.32 23.35
N GLY B 360 14.50 -11.05 24.53
CA GLY B 360 14.85 -9.88 25.30
C GLY B 360 13.64 -9.17 25.89
N PRO B 361 13.89 -8.12 26.66
CA PRO B 361 12.79 -7.42 27.35
C PRO B 361 11.83 -6.69 26.42
N SER B 362 12.11 -6.60 25.12
CA SER B 362 11.21 -5.91 24.21
C SER B 362 10.39 -6.88 23.36
N VAL B 363 10.46 -8.18 23.61
CA VAL B 363 9.57 -9.11 22.93
C VAL B 363 8.12 -8.76 23.28
N ALA B 364 7.28 -8.64 22.25
CA ALA B 364 5.92 -8.18 22.46
C ALA B 364 5.16 -9.14 23.37
N GLN B 365 4.01 -8.65 23.86
CA GLN B 365 3.15 -9.52 24.66
C GLN B 365 2.55 -10.64 23.83
N GLY B 366 2.37 -10.43 22.53
CA GLY B 366 1.77 -11.40 21.65
C GLY B 366 0.77 -10.74 20.73
N TYR B 367 -0.06 -11.57 20.09
CA TYR B 367 -1.08 -11.09 19.16
C TYR B 367 -2.41 -10.95 19.90
N LEU B 368 -3.08 -9.82 19.71
CA LEU B 368 -4.27 -9.50 20.49
C LEU B 368 -5.41 -10.44 20.13
N GLY B 369 -5.95 -11.13 21.13
CA GLY B 369 -7.09 -12.00 20.94
C GLY B 369 -6.83 -13.22 20.09
N ARG B 370 -5.57 -13.62 19.90
CA ARG B 370 -5.21 -14.76 19.07
C ARG B 370 -4.30 -15.67 19.88
N PRO B 371 -4.84 -16.36 20.90
CA PRO B 371 -3.98 -17.22 21.73
C PRO B 371 -3.32 -18.33 20.94
N ASP B 372 -4.03 -18.85 19.94
CA ASP B 372 -3.54 -19.77 18.93
C ASP B 372 -2.20 -19.31 18.34
N LEU B 373 -2.28 -18.23 17.56
CA LEU B 373 -1.12 -17.70 16.87
C LEU B 373 -0.05 -17.22 17.85
N THR B 374 -0.47 -16.64 18.99
CA THR B 374 0.49 -16.22 19.99
C THR B 374 1.37 -17.38 20.41
N ALA B 375 0.73 -18.45 20.94
CA ALA B 375 1.47 -19.63 21.38
C ALA B 375 2.27 -20.25 20.25
N ASP B 376 1.77 -20.16 19.02
CA ASP B 376 2.54 -20.69 17.89
C ASP B 376 3.82 -19.90 17.64
N LYS B 377 3.81 -18.58 17.89
CA LYS B 377 4.93 -17.73 17.47
C LYS B 377 5.74 -17.12 18.60
N PHE B 378 5.26 -17.12 19.84
CA PHE B 378 6.01 -16.64 21.01
C PHE B 378 6.19 -17.81 21.97
N ILE B 379 7.35 -18.44 21.91
CA ILE B 379 7.59 -19.71 22.57
C ILE B 379 8.50 -19.50 23.78
N GLU B 380 8.58 -20.52 24.65
CA GLU B 380 9.44 -20.41 25.83
C GLU B 380 10.89 -20.61 25.42
N ASN B 381 11.78 -19.90 26.09
CA ASN B 381 13.20 -19.93 25.76
C ASN B 381 13.96 -20.77 26.78
N PRO B 382 14.35 -22.00 26.44
CA PRO B 382 15.15 -22.80 27.40
C PRO B 382 16.48 -22.19 27.70
N TRP B 383 16.95 -21.23 26.91
CA TRP B 383 18.33 -20.77 26.97
C TRP B 383 18.47 -19.38 27.56
N ALA B 384 17.40 -18.85 28.16
CA ALA B 384 17.44 -17.53 28.74
C ALA B 384 18.36 -17.52 29.95
N MET B 385 19.30 -16.58 29.97
CA MET B 385 20.16 -16.36 31.13
C MET B 385 19.58 -15.32 32.09
N SER B 386 18.30 -14.97 31.95
CA SER B 386 17.65 -14.03 32.85
C SER B 386 16.15 -14.06 32.59
N VAL B 387 15.41 -13.48 33.54
CA VAL B 387 13.96 -13.47 33.43
C VAL B 387 13.49 -12.63 32.28
N GLU B 388 14.37 -11.79 31.73
CA GLU B 388 14.08 -10.96 30.57
C GLU B 388 14.28 -11.70 29.24
N GLU B 389 14.47 -13.03 29.27
CA GLU B 389 14.74 -13.77 28.05
C GLU B 389 13.88 -15.02 27.86
N GLU B 390 12.84 -15.19 28.67
CA GLU B 390 12.11 -16.45 28.68
C GLU B 390 11.22 -16.63 27.45
N LEU B 391 11.09 -15.60 26.62
CA LEU B 391 10.16 -15.59 25.50
C LEU B 391 10.94 -15.36 24.20
N LEU B 392 10.87 -16.34 23.30
CA LEU B 392 11.47 -16.24 21.97
C LEU B 392 10.38 -15.94 20.94
N TYR B 393 10.62 -14.95 20.09
CA TYR B 393 9.74 -14.65 18.98
C TYR B 393 10.37 -15.22 17.71
N ARG B 394 9.62 -16.12 17.06
CA ARG B 394 10.10 -16.78 15.84
C ARG B 394 9.80 -15.87 14.67
N THR B 395 10.86 -15.31 14.08
CA THR B 395 10.69 -14.28 13.04
C THR B 395 10.05 -14.82 11.77
N GLY B 396 10.19 -16.11 11.49
CA GLY B 396 9.87 -16.61 10.18
C GLY B 396 10.98 -16.43 9.17
N ASP B 397 12.02 -15.67 9.50
CA ASP B 397 13.18 -15.54 8.64
C ASP B 397 14.11 -16.74 8.77
N LEU B 398 14.81 -17.02 7.69
CA LEU B 398 15.90 -17.97 7.71
C LEU B 398 17.20 -17.18 7.86
N ALA B 399 18.11 -17.70 8.66
CA ALA B 399 19.34 -17.00 8.94
C ALA B 399 20.42 -18.00 9.31
N LYS B 400 21.64 -17.50 9.33
CA LYS B 400 22.78 -18.27 9.81
C LYS B 400 23.59 -17.38 10.73
N ILE B 401 24.26 -17.98 11.69
CA ILE B 401 25.16 -17.25 12.56
C ILE B 401 26.58 -17.40 12.04
N ASP B 402 27.30 -16.29 12.00
CA ASP B 402 28.61 -16.21 11.38
C ASP B 402 29.69 -16.74 12.32
N GLU B 403 30.86 -17.06 11.75
CA GLU B 403 31.99 -17.52 12.54
C GLU B 403 32.62 -16.42 13.35
N PHE B 404 32.12 -15.20 13.25
CA PHE B 404 32.58 -14.07 14.05
C PHE B 404 31.45 -13.48 14.87
N GLY B 405 30.36 -14.23 15.05
CA GLY B 405 29.22 -13.77 15.84
C GLY B 405 28.25 -12.86 15.14
N GLN B 406 28.27 -12.82 13.80
CA GLN B 406 27.38 -11.95 13.04
C GLN B 406 26.20 -12.73 12.47
N VAL B 407 25.02 -12.16 12.57
CA VAL B 407 23.80 -12.78 12.05
C VAL B 407 23.66 -12.40 10.59
N HIS B 408 23.37 -13.39 9.74
CA HIS B 408 23.13 -13.16 8.31
C HIS B 408 21.74 -13.65 7.98
N CYS B 409 20.93 -12.74 7.42
CA CYS B 409 19.57 -13.03 7.05
C CYS B 409 19.52 -13.69 5.68
N LEU B 410 18.54 -14.56 5.50
CA LEU B 410 18.47 -15.35 4.28
C LEU B 410 17.09 -15.40 3.63
N GLY B 411 16.09 -14.70 4.17
CA GLY B 411 14.77 -14.64 3.57
C GLY B 411 13.75 -15.52 4.28
N ARG B 412 12.50 -15.39 3.84
CA ARG B 412 11.40 -16.06 4.51
C ARG B 412 11.52 -17.57 4.37
N ALA B 413 10.79 -18.29 5.22
CA ALA B 413 10.89 -19.75 5.27
C ALA B 413 9.81 -20.43 4.43
C1 GOL C . -24.72 24.05 -25.58
O1 GOL C . -23.75 24.90 -25.05
C2 GOL C . -24.72 22.77 -24.70
O2 GOL C . -24.91 23.07 -23.35
C3 GOL C . -25.84 21.88 -25.30
O3 GOL C . -27.06 22.55 -25.11
C1 GOL D . 8.65 -14.09 -22.11
O1 GOL D . 9.30 -13.56 -21.00
C2 GOL D . 7.29 -14.50 -21.57
O2 GOL D . 6.53 -13.38 -21.24
C3 GOL D . 6.70 -15.36 -22.70
O3 GOL D . 5.83 -16.28 -22.11
C1 GOL E . -31.05 -10.60 -6.85
O1 GOL E . -31.15 -10.03 -5.56
C2 GOL E . -30.72 -12.10 -6.65
O2 GOL E . -31.76 -12.78 -6.03
C3 GOL E . -30.45 -12.65 -8.07
O3 GOL E . -29.79 -13.87 -7.91
C1 GOL F . -5.89 -3.28 -27.41
O1 GOL F . -4.65 -3.42 -26.82
C2 GOL F . -6.93 -3.39 -26.27
O2 GOL F . -6.96 -2.25 -25.44
C3 GOL F . -8.28 -3.72 -26.98
O3 GOL F . -8.06 -4.79 -27.88
N LYS G . -4.76 1.59 -23.38
CA LYS G . -5.65 1.69 -24.53
C LYS G . -4.94 1.07 -25.74
O LYS G . -3.72 0.90 -25.72
CB LYS G . -6.04 3.14 -24.76
CG LYS G . -5.76 4.06 -23.57
CD LYS G . -6.68 3.81 -22.41
CE LYS G . -6.27 4.66 -21.22
NZ LYS G . -7.20 4.57 -20.06
OXT LYS G . -5.57 0.72 -26.74
H1 LYS G . -5.14 1.76 -22.62
H2 LYS G . -3.99 2.12 -23.59
H3 LYS G . -4.48 0.68 -23.26
HA LYS G . -6.49 1.21 -24.36
HB2 LYS G . -6.99 3.19 -24.96
HB3 LYS G . -5.53 3.47 -25.53
HG2 LYS G . -5.86 4.98 -23.86
HG3 LYS G . -4.85 3.91 -23.28
HD2 LYS G . -7.60 4.05 -22.65
HD3 LYS G . -6.65 2.87 -22.15
HE2 LYS G . -5.39 4.36 -20.92
HE3 LYS G . -6.22 5.59 -21.49
HZ1 LYS G . -7.26 3.73 -19.78
HZ2 LYS G . -6.91 5.07 -19.39
HZ3 LYS G . -8.01 4.85 -20.29
C1 GOL H . 4.22 -1.02 10.09
O1 GOL H . 5.24 -0.91 11.02
C2 GOL H . 3.50 -2.33 10.41
O2 GOL H . 2.17 -2.11 10.75
C3 GOL H . 3.69 -3.19 9.13
O3 GOL H . 3.21 -4.46 9.41
C1 GOL I . 7.77 10.07 5.00
O1 GOL I . 8.28 11.11 4.25
C2 GOL I . 8.32 8.73 4.44
O2 GOL I . 9.63 8.46 4.86
C3 GOL I . 7.33 7.65 4.98
O3 GOL I . 6.10 7.94 4.42
C1 GOL J . 16.45 16.48 29.40
O1 GOL J . 17.01 16.73 30.63
C2 GOL J . 15.91 15.01 29.40
O2 GOL J . 14.99 14.82 28.37
C3 GOL J . 17.20 14.15 29.24
O3 GOL J . 16.83 12.93 28.62
C1 GOL K . -20.62 16.00 16.37
O1 GOL K . -20.16 16.81 15.33
C2 GOL K . -19.95 16.57 17.61
O2 GOL K . -20.35 17.88 17.82
C3 GOL K . -20.38 15.61 18.76
O3 GOL K . -19.22 14.97 19.23
C1 GOL L . -8.12 11.49 3.51
O1 GOL L . -8.26 12.87 3.57
C2 GOL L . -9.23 10.86 4.39
O2 GOL L . -10.48 11.42 4.20
C3 GOL L . -9.21 9.39 4.02
O3 GOL L . -9.82 8.71 5.07
C1 GOL M . 12.01 -1.96 10.39
O1 GOL M . 13.25 -1.74 10.97
C2 GOL M . 10.97 -1.73 11.50
O2 GOL M . 10.68 -0.39 11.68
C3 GOL M . 9.74 -2.58 11.12
O3 GOL M . 9.24 -3.11 12.33
C1 GOL N . 37.75 10.59 8.30
O1 GOL N . 37.74 10.97 6.97
C2 GOL N . 36.29 10.68 8.81
O2 GOL N . 35.47 9.70 8.25
C3 GOL N . 36.36 10.50 10.31
O3 GOL N . 35.10 10.01 10.65
C1 GOL O . 6.41 13.62 -7.57
O1 GOL O . 5.81 13.24 -8.76
C2 GOL O . 7.84 13.07 -7.62
O2 GOL O . 8.26 12.87 -8.92
C3 GOL O . 8.71 14.16 -6.92
O3 GOL O . 9.58 13.51 -6.07
#